data_1PVH
#
_entry.id   1PVH
#
_cell.length_a   79.710
_cell.length_b   86.700
_cell.length_c   146.430
_cell.angle_alpha   90.00
_cell.angle_beta   90.00
_cell.angle_gamma   90.00
#
_symmetry.space_group_name_H-M   'P 21 21 21'
#
loop_
_entity.id
_entity.type
_entity.pdbx_description
1 polymer 'Interleukin-6 receptor beta chain'
2 polymer 'Leukemia inhibitory factor'
3 non-polymer 'IODIDE ION'
4 water water
#
loop_
_entity_poly.entity_id
_entity_poly.type
_entity_poly.pdbx_seq_one_letter_code
_entity_poly.pdbx_strand_id
1 'polypeptide(L)'
;GLPPEKPKNLSCIVNEGKKMRCEWDGGRETHLETNFTLKSEWATHKFADCKAKRDTPTSCTVDYSTVYFVNIEVWVEAEN
ALGKVTSDHINFDPVYKVKPNPPHNLSVINSEELSSILKLTWTNPSIKSVIILKYNIQYRTKDASTWSQIPPEDTASTRS
SFTVQDLKPFTEYVFRIRCMKEDGKGYWSDWSEEASGITYE
;
A,C
2 'polypeptide(L)'
;CAIRHPCHNNLMNQIRSQLAQLNGSANALFILYYTAQGEPFPNNLDKLCGPNVTDFPPFHANGTEKAKLVELYRIVVYLG
TSLGNITRDQKILNPSALSLHSKLNATADILRGLLSNVLCRLCSKYHVGHVDVTYGPDTSGKDVFQKKKLGCQLLGKYKQ
IIAVLAQAF
;
B,D
#
# COMPACT_ATOMS: atom_id res chain seq x y z
N GLY A 1 -0.43 -28.96 1.53
CA GLY A 1 -1.52 -27.96 1.28
C GLY A 1 -0.99 -26.58 0.89
N LEU A 2 -1.84 -25.76 0.24
CA LEU A 2 -1.43 -24.43 -0.19
C LEU A 2 -2.44 -23.34 0.09
N PRO A 3 -2.00 -22.06 0.08
CA PRO A 3 -2.90 -20.93 0.34
C PRO A 3 -3.74 -20.66 -0.91
N PRO A 4 -4.94 -20.11 -0.73
CA PRO A 4 -5.89 -19.77 -1.81
C PRO A 4 -5.42 -18.72 -2.80
N GLU A 5 -5.78 -18.98 -4.05
CA GLU A 5 -5.44 -18.10 -5.15
C GLU A 5 -6.56 -17.05 -5.28
N LYS A 6 -6.22 -15.93 -5.91
CA LYS A 6 -7.18 -14.85 -6.10
C LYS A 6 -8.26 -15.35 -7.05
N PRO A 7 -9.54 -15.33 -6.60
CA PRO A 7 -10.63 -15.80 -7.48
C PRO A 7 -10.72 -14.85 -8.67
N LYS A 8 -11.23 -15.35 -9.80
CA LYS A 8 -11.35 -14.47 -10.95
C LYS A 8 -12.56 -14.81 -11.81
N ASN A 9 -12.88 -13.91 -12.75
CA ASN A 9 -14.01 -14.08 -13.67
C ASN A 9 -15.32 -13.90 -12.94
N LEU A 10 -15.31 -13.02 -11.95
CA LEU A 10 -16.54 -12.76 -11.23
C LEU A 10 -17.55 -12.12 -12.17
N SER A 11 -18.76 -12.65 -12.16
CA SER A 11 -19.80 -12.13 -12.99
C SER A 11 -21.15 -12.38 -12.32
N CYS A 12 -22.04 -11.41 -12.42
CA CYS A 12 -23.34 -11.54 -11.79
C CYS A 12 -24.48 -11.53 -12.77
N ILE A 13 -25.57 -12.14 -12.36
CA ILE A 13 -26.72 -12.21 -13.22
C ILE A 13 -27.96 -11.99 -12.39
N VAL A 14 -28.96 -11.36 -12.99
CA VAL A 14 -30.22 -11.09 -12.34
C VAL A 14 -31.33 -11.60 -13.23
N ASN A 15 -31.83 -12.80 -12.97
CA ASN A 15 -32.94 -13.32 -13.75
C ASN A 15 -34.10 -12.42 -13.30
N GLU A 16 -34.99 -12.03 -14.22
CA GLU A 16 -36.09 -11.16 -13.82
C GLU A 16 -36.86 -11.78 -12.66
N GLY A 17 -37.13 -10.99 -11.64
CA GLY A 17 -37.89 -11.46 -10.49
C GLY A 17 -37.09 -12.05 -9.35
N LYS A 18 -35.94 -12.62 -9.67
CA LYS A 18 -35.09 -13.27 -8.68
C LYS A 18 -34.01 -12.37 -8.06
N LYS A 19 -33.38 -12.87 -7.01
CA LYS A 19 -32.32 -12.10 -6.37
C LYS A 19 -31.03 -12.31 -7.18
N MET A 20 -30.14 -11.35 -7.10
CA MET A 20 -28.90 -11.43 -7.87
C MET A 20 -28.07 -12.69 -7.53
N ARG A 21 -27.29 -13.14 -8.51
CA ARG A 21 -26.43 -14.30 -8.32
C ARG A 21 -25.08 -14.06 -8.99
N CYS A 22 -24.00 -14.25 -8.24
CA CYS A 22 -22.69 -14.10 -8.85
C CYS A 22 -21.94 -15.44 -8.81
N GLU A 23 -21.05 -15.61 -9.77
CA GLU A 23 -20.28 -16.82 -9.93
C GLU A 23 -18.84 -16.45 -10.21
N TRP A 24 -17.92 -17.34 -9.87
CA TRP A 24 -16.51 -17.08 -10.10
C TRP A 24 -15.71 -18.39 -10.19
N ASP A 25 -14.50 -18.29 -10.75
CA ASP A 25 -13.62 -19.43 -10.90
C ASP A 25 -12.69 -19.45 -9.67
N GLY A 26 -12.82 -20.52 -8.90
CA GLY A 26 -12.05 -20.65 -7.68
C GLY A 26 -10.53 -20.66 -7.72
N GLY A 27 -9.97 -21.38 -8.69
CA GLY A 27 -8.51 -21.46 -8.79
C GLY A 27 -7.96 -22.87 -8.63
N ARG A 28 -6.65 -23.00 -8.42
CA ARG A 28 -6.01 -24.32 -8.28
C ARG A 28 -6.36 -24.95 -6.95
N GLU A 29 -6.73 -26.24 -6.99
CA GLU A 29 -7.12 -26.98 -5.78
C GLU A 29 -6.15 -26.74 -4.65
N THR A 30 -6.70 -26.34 -3.52
CA THR A 30 -5.89 -26.05 -2.34
C THR A 30 -5.59 -27.28 -1.47
N HIS A 31 -6.41 -28.32 -1.59
CA HIS A 31 -6.27 -29.55 -0.80
C HIS A 31 -6.71 -29.28 0.62
N LEU A 32 -7.06 -28.01 0.89
CA LEU A 32 -7.51 -27.58 2.21
C LEU A 32 -8.98 -27.17 2.18
N GLU A 33 -9.54 -26.96 3.36
CA GLU A 33 -10.94 -26.55 3.46
C GLU A 33 -10.96 -25.05 3.18
N THR A 34 -11.47 -24.67 2.00
CA THR A 34 -11.51 -23.27 1.58
C THR A 34 -12.92 -22.64 1.50
N ASN A 35 -13.08 -21.51 2.20
CA ASN A 35 -14.34 -20.79 2.23
C ASN A 35 -14.38 -19.57 1.30
N PHE A 36 -15.49 -19.45 0.60
CA PHE A 36 -15.74 -18.35 -0.33
C PHE A 36 -16.86 -17.47 0.16
N THR A 37 -16.62 -16.17 0.15
CA THR A 37 -17.60 -15.18 0.59
C THR A 37 -17.79 -14.04 -0.42
N LEU A 38 -19.03 -13.89 -0.89
CA LEU A 38 -19.40 -12.83 -1.83
C LEU A 38 -19.75 -11.59 -1.05
N LYS A 39 -18.95 -10.53 -1.21
CA LYS A 39 -19.20 -9.25 -0.53
C LYS A 39 -19.87 -8.29 -1.53
N SER A 40 -20.81 -7.48 -1.07
CA SER A 40 -21.47 -6.52 -1.94
C SER A 40 -21.85 -5.27 -1.16
N GLU A 41 -21.74 -4.10 -1.78
CA GLU A 41 -22.08 -2.88 -1.05
C GLU A 41 -22.35 -1.68 -1.95
N TRP A 42 -23.34 -0.88 -1.55
CA TRP A 42 -23.65 0.36 -2.28
C TRP A 42 -22.55 1.26 -1.75
N ALA A 43 -22.47 2.48 -2.25
CA ALA A 43 -21.46 3.39 -1.77
C ALA A 43 -21.82 3.90 -0.36
N THR A 44 -23.06 3.69 0.06
CA THR A 44 -23.52 4.17 1.34
C THR A 44 -24.00 3.06 2.26
N HIS A 45 -23.85 1.79 1.86
CA HIS A 45 -24.35 0.71 2.68
C HIS A 45 -23.71 -0.63 2.39
N LYS A 46 -23.28 -1.33 3.44
CA LYS A 46 -22.65 -2.64 3.34
C LYS A 46 -23.79 -3.62 3.38
N PHE A 47 -23.84 -4.54 2.42
CA PHE A 47 -24.91 -5.52 2.44
C PHE A 47 -24.48 -6.79 3.19
N ALA A 48 -25.41 -7.70 3.43
CA ALA A 48 -25.08 -8.93 4.14
C ALA A 48 -24.14 -9.79 3.31
N ASP A 49 -23.09 -10.30 3.93
CA ASP A 49 -22.16 -11.15 3.21
C ASP A 49 -22.91 -12.38 2.72
N CYS A 50 -22.41 -12.98 1.64
CA CYS A 50 -23.04 -14.17 1.07
C CYS A 50 -21.96 -15.26 1.09
N LYS A 51 -22.20 -16.32 1.85
CA LYS A 51 -21.25 -17.40 1.98
C LYS A 51 -21.66 -18.55 1.08
N ALA A 52 -20.78 -18.94 0.17
CA ALA A 52 -21.03 -20.04 -0.76
C ALA A 52 -21.22 -21.39 -0.09
N LYS A 53 -22.29 -22.09 -0.46
CA LYS A 53 -22.60 -23.43 0.06
C LYS A 53 -21.55 -24.44 -0.45
N ARG A 54 -21.52 -25.64 0.15
CA ARG A 54 -20.56 -26.68 -0.28
C ARG A 54 -21.04 -27.21 -1.62
N ASP A 55 -22.35 -27.42 -1.72
CA ASP A 55 -23.00 -27.90 -2.94
C ASP A 55 -22.60 -27.07 -4.16
N THR A 56 -22.65 -25.75 -3.99
CA THR A 56 -22.31 -24.78 -5.03
C THR A 56 -21.24 -23.86 -4.46
N PRO A 57 -20.00 -24.33 -4.40
CA PRO A 57 -18.86 -23.57 -3.87
C PRO A 57 -18.40 -22.31 -4.55
N THR A 58 -18.64 -22.16 -5.85
CA THR A 58 -18.16 -20.97 -6.57
C THR A 58 -19.25 -20.06 -7.11
N SER A 59 -20.38 -20.03 -6.41
CA SER A 59 -21.50 -19.21 -6.82
C SER A 59 -22.28 -18.82 -5.58
N CYS A 60 -22.91 -17.65 -5.60
CA CYS A 60 -23.71 -17.20 -4.46
C CYS A 60 -24.90 -16.37 -4.92
N THR A 61 -26.04 -16.60 -4.29
CA THR A 61 -27.25 -15.86 -4.58
C THR A 61 -27.48 -15.03 -3.32
N VAL A 62 -27.37 -13.71 -3.43
CA VAL A 62 -27.52 -12.83 -2.26
C VAL A 62 -28.86 -12.89 -1.56
N ASP A 63 -28.92 -12.26 -0.38
CA ASP A 63 -30.18 -12.28 0.35
C ASP A 63 -30.97 -11.00 0.24
N TYR A 64 -30.39 -9.96 -0.36
CA TYR A 64 -31.14 -8.72 -0.49
C TYR A 64 -31.83 -8.69 -1.85
N SER A 65 -32.91 -7.92 -1.96
CA SER A 65 -33.58 -7.85 -3.25
C SER A 65 -32.89 -6.83 -4.18
N THR A 66 -33.03 -7.08 -5.47
CA THR A 66 -32.42 -6.26 -6.49
C THR A 66 -33.00 -4.86 -6.60
N VAL A 67 -32.12 -3.86 -6.55
CA VAL A 67 -32.49 -2.46 -6.73
C VAL A 67 -31.77 -1.89 -7.94
N TYR A 68 -32.50 -1.52 -8.97
CA TYR A 68 -31.92 -0.98 -10.19
C TYR A 68 -31.50 0.49 -10.08
N PHE A 69 -30.52 0.90 -10.89
CA PHE A 69 -30.09 2.30 -10.90
C PHE A 69 -29.29 2.77 -9.72
N VAL A 70 -28.74 1.82 -8.96
CA VAL A 70 -27.89 2.16 -7.86
C VAL A 70 -26.67 1.25 -8.02
N ASN A 71 -25.50 1.82 -8.30
CA ASN A 71 -24.32 1.01 -8.46
C ASN A 71 -24.02 0.19 -7.20
N ILE A 72 -23.56 -1.03 -7.39
CA ILE A 72 -23.29 -1.93 -6.28
C ILE A 72 -21.87 -2.47 -6.49
N GLU A 73 -21.01 -2.40 -5.48
CA GLU A 73 -19.67 -2.93 -5.63
C GLU A 73 -19.65 -4.39 -5.10
N VAL A 74 -19.02 -5.27 -5.87
CA VAL A 74 -18.98 -6.68 -5.52
C VAL A 74 -17.61 -7.32 -5.64
N TRP A 75 -17.32 -8.30 -4.78
CA TRP A 75 -16.05 -9.02 -4.82
C TRP A 75 -16.08 -10.30 -4.01
N VAL A 76 -15.12 -11.18 -4.27
CA VAL A 76 -15.07 -12.46 -3.60
C VAL A 76 -13.84 -12.64 -2.73
N GLU A 77 -14.10 -13.21 -1.56
CA GLU A 77 -13.02 -13.47 -0.61
C GLU A 77 -12.84 -14.97 -0.46
N ALA A 78 -11.59 -15.41 -0.61
CA ALA A 78 -11.25 -16.82 -0.47
C ALA A 78 -10.36 -16.96 0.74
N GLU A 79 -10.54 -18.05 1.47
CA GLU A 79 -9.75 -18.24 2.69
C GLU A 79 -9.59 -19.68 3.21
N ASN A 80 -8.40 -19.97 3.69
CA ASN A 80 -8.11 -21.28 4.28
C ASN A 80 -6.91 -21.14 5.23
N ALA A 81 -6.67 -22.16 6.04
CA ALA A 81 -5.56 -22.11 6.99
C ALA A 81 -4.31 -21.38 6.50
N LEU A 82 -4.01 -21.48 5.21
CA LEU A 82 -2.80 -20.85 4.67
C LEU A 82 -2.89 -19.40 4.16
N GLY A 83 -4.10 -18.90 3.95
CA GLY A 83 -4.22 -17.52 3.46
C GLY A 83 -5.63 -17.00 3.22
N LYS A 84 -5.75 -15.68 3.17
CA LYS A 84 -7.03 -15.02 2.94
C LYS A 84 -6.83 -13.99 1.85
N VAL A 85 -7.47 -14.21 0.71
CA VAL A 85 -7.32 -13.28 -0.39
C VAL A 85 -8.67 -12.86 -0.96
N THR A 86 -8.69 -11.74 -1.69
CA THR A 86 -9.92 -11.22 -2.29
C THR A 86 -9.74 -11.04 -3.78
N SER A 87 -10.83 -11.10 -4.52
CA SER A 87 -10.81 -10.94 -5.96
C SER A 87 -10.79 -9.45 -6.29
N ASP A 88 -10.65 -9.13 -7.58
CA ASP A 88 -10.68 -7.74 -7.99
C ASP A 88 -12.14 -7.32 -7.77
N HIS A 89 -12.38 -6.03 -7.55
CA HIS A 89 -13.75 -5.59 -7.35
C HIS A 89 -14.37 -5.25 -8.69
N ILE A 90 -15.69 -5.35 -8.78
CA ILE A 90 -16.43 -4.94 -9.97
C ILE A 90 -17.51 -4.03 -9.41
N ASN A 91 -17.93 -3.05 -10.19
CA ASN A 91 -18.89 -2.06 -9.75
C ASN A 91 -19.83 -1.85 -10.93
N PHE A 92 -21.11 -2.18 -10.74
CA PHE A 92 -22.09 -2.04 -11.80
C PHE A 92 -23.50 -1.73 -11.31
N ASP A 93 -24.34 -1.32 -12.26
CA ASP A 93 -25.74 -1.02 -12.03
C ASP A 93 -26.42 -2.34 -12.43
N PRO A 94 -27.16 -2.97 -11.51
CA PRO A 94 -27.85 -4.24 -11.78
C PRO A 94 -28.64 -4.29 -13.08
N VAL A 95 -29.03 -3.12 -13.57
CA VAL A 95 -29.82 -3.03 -14.79
C VAL A 95 -29.16 -3.63 -16.03
N TYR A 96 -27.84 -3.63 -16.07
CA TYR A 96 -27.06 -4.16 -17.18
C TYR A 96 -26.74 -5.66 -17.01
N LYS A 97 -27.34 -6.29 -16.01
CA LYS A 97 -27.06 -7.71 -15.76
C LYS A 97 -28.32 -8.56 -15.73
N VAL A 98 -29.37 -8.08 -16.38
CA VAL A 98 -30.67 -8.73 -16.40
C VAL A 98 -30.93 -9.80 -17.46
N LYS A 99 -31.63 -10.87 -17.08
CA LYS A 99 -32.05 -11.90 -18.02
C LYS A 99 -33.56 -11.91 -17.88
N PRO A 100 -34.26 -11.12 -18.71
CA PRO A 100 -35.73 -11.06 -18.65
C PRO A 100 -36.36 -12.43 -18.77
N ASN A 101 -37.66 -12.48 -18.58
CA ASN A 101 -38.39 -13.71 -18.79
C ASN A 101 -38.68 -13.61 -20.28
N PRO A 102 -38.99 -14.73 -20.92
CA PRO A 102 -39.28 -14.71 -22.35
C PRO A 102 -40.61 -14.05 -22.66
N PRO A 103 -40.72 -13.44 -23.84
CA PRO A 103 -42.01 -12.84 -24.14
C PRO A 103 -42.98 -14.00 -24.16
N HIS A 104 -44.25 -13.78 -23.84
CA HIS A 104 -45.22 -14.87 -23.89
C HIS A 104 -46.48 -14.53 -24.69
N ASN A 105 -47.33 -15.52 -24.91
CA ASN A 105 -48.55 -15.34 -25.67
C ASN A 105 -48.30 -15.00 -27.12
N LEU A 106 -47.22 -15.52 -27.68
CA LEU A 106 -46.94 -15.25 -29.07
C LEU A 106 -48.11 -15.85 -29.88
N SER A 107 -48.57 -15.13 -30.91
CA SER A 107 -49.67 -15.62 -31.73
C SER A 107 -49.60 -15.04 -33.13
N VAL A 108 -50.09 -15.80 -34.11
CA VAL A 108 -50.07 -15.38 -35.51
C VAL A 108 -51.45 -15.07 -36.09
N ILE A 109 -51.47 -14.14 -37.06
CA ILE A 109 -52.70 -13.72 -37.72
C ILE A 109 -52.36 -13.27 -39.15
N ASN A 110 -53.36 -13.27 -40.03
CA ASN A 110 -53.14 -12.85 -41.41
C ASN A 110 -53.80 -11.51 -41.69
N SER A 111 -53.85 -10.64 -40.68
CA SER A 111 -54.49 -9.34 -40.79
C SER A 111 -53.91 -8.43 -41.88
N GLU A 112 -53.86 -8.91 -43.12
CA GLU A 112 -53.36 -8.08 -44.20
C GLU A 112 -54.07 -8.35 -45.53
N GLU A 113 -54.92 -9.38 -45.56
CA GLU A 113 -55.64 -9.70 -46.77
C GLU A 113 -54.65 -9.99 -47.89
N LEU A 114 -53.41 -10.29 -47.51
CA LEU A 114 -52.36 -10.61 -48.47
C LEU A 114 -51.66 -11.90 -48.05
N SER A 115 -51.05 -12.58 -49.02
CA SER A 115 -50.37 -13.84 -48.75
C SER A 115 -49.06 -13.70 -47.98
N SER A 116 -48.06 -13.11 -48.64
CA SER A 116 -46.74 -12.91 -48.07
C SER A 116 -46.72 -12.04 -46.81
N ILE A 117 -47.76 -12.17 -45.98
CA ILE A 117 -47.81 -11.38 -44.77
C ILE A 117 -48.36 -12.18 -43.60
N LEU A 118 -47.67 -12.04 -42.49
CA LEU A 118 -48.05 -12.65 -41.24
C LEU A 118 -47.69 -11.63 -40.18
N LYS A 119 -48.52 -11.54 -39.16
CA LYS A 119 -48.29 -10.60 -38.08
C LYS A 119 -48.22 -11.38 -36.79
N LEU A 120 -47.20 -11.05 -35.99
CA LEU A 120 -47.00 -11.67 -34.71
C LEU A 120 -47.35 -10.66 -33.65
N THR A 121 -47.91 -11.15 -32.55
CA THR A 121 -48.25 -10.29 -31.43
C THR A 121 -47.87 -11.07 -30.21
N TRP A 122 -47.43 -10.36 -29.18
CA TRP A 122 -47.00 -11.04 -27.99
C TRP A 122 -47.08 -10.10 -26.82
N THR A 123 -46.86 -10.64 -25.63
CA THR A 123 -46.89 -9.84 -24.45
C THR A 123 -45.48 -9.83 -23.85
N ASN A 124 -44.95 -8.62 -23.67
CA ASN A 124 -43.61 -8.41 -23.13
C ASN A 124 -43.51 -8.73 -21.63
N PRO A 125 -42.32 -9.17 -21.19
CA PRO A 125 -42.11 -9.50 -19.78
C PRO A 125 -42.20 -8.21 -18.95
N SER A 126 -42.49 -8.33 -17.65
CA SER A 126 -42.64 -7.17 -16.76
C SER A 126 -41.50 -6.19 -16.76
N ILE A 127 -40.27 -6.69 -16.94
CA ILE A 127 -39.09 -5.83 -16.91
C ILE A 127 -39.14 -4.70 -17.96
N LYS A 128 -40.18 -4.70 -18.77
CA LYS A 128 -40.36 -3.67 -19.79
C LYS A 128 -40.51 -2.31 -19.13
N SER A 129 -41.03 -2.30 -17.91
CA SER A 129 -41.23 -1.05 -17.17
C SER A 129 -39.94 -0.48 -16.60
N VAL A 130 -38.82 -1.16 -16.85
CA VAL A 130 -37.53 -0.74 -16.35
C VAL A 130 -36.54 -0.58 -17.50
N ILE A 131 -36.56 -1.51 -18.45
CA ILE A 131 -35.65 -1.45 -19.57
C ILE A 131 -36.38 -1.48 -20.90
N ILE A 132 -35.72 -0.90 -21.91
CA ILE A 132 -36.22 -0.87 -23.27
C ILE A 132 -35.74 -2.20 -23.82
N LEU A 133 -36.59 -2.88 -24.58
CA LEU A 133 -36.27 -4.17 -25.11
C LEU A 133 -35.80 -4.26 -26.54
N LYS A 134 -35.07 -5.33 -26.81
CA LYS A 134 -34.46 -5.69 -28.08
C LYS A 134 -35.00 -7.12 -28.30
N TYR A 135 -35.02 -7.62 -29.52
CA TYR A 135 -35.53 -8.98 -29.77
C TYR A 135 -34.82 -9.74 -30.88
N ASN A 136 -35.08 -11.04 -30.92
CA ASN A 136 -34.57 -11.90 -31.97
C ASN A 136 -35.85 -12.61 -32.34
N ILE A 137 -36.20 -12.50 -33.62
CA ILE A 137 -37.39 -13.17 -34.11
C ILE A 137 -36.96 -14.25 -35.10
N GLN A 138 -37.31 -15.48 -34.77
CA GLN A 138 -36.95 -16.58 -35.62
C GLN A 138 -38.19 -17.23 -36.23
N TYR A 139 -38.03 -17.69 -37.47
CA TYR A 139 -39.10 -18.32 -38.20
C TYR A 139 -38.51 -19.37 -39.12
N ARG A 140 -39.36 -20.30 -39.54
CA ARG A 140 -38.98 -21.39 -40.42
C ARG A 140 -40.26 -22.04 -40.92
N THR A 141 -40.18 -22.76 -42.04
CA THR A 141 -41.35 -23.46 -42.56
C THR A 141 -41.67 -24.59 -41.58
N LYS A 142 -42.93 -25.00 -41.54
CA LYS A 142 -43.36 -26.07 -40.64
C LYS A 142 -42.39 -27.24 -40.66
N ASP A 143 -41.99 -27.63 -41.87
CA ASP A 143 -41.08 -28.76 -42.08
C ASP A 143 -39.76 -28.24 -42.62
N ALA A 144 -38.88 -27.83 -41.71
CA ALA A 144 -37.54 -27.31 -42.08
C ALA A 144 -36.65 -27.62 -40.88
N SER A 145 -35.40 -27.98 -41.16
CA SER A 145 -34.48 -28.36 -40.07
C SER A 145 -33.92 -27.23 -39.20
N THR A 146 -33.72 -26.05 -39.78
CA THR A 146 -33.14 -24.95 -39.03
C THR A 146 -33.96 -23.67 -39.12
N TRP A 147 -33.73 -22.78 -38.17
CA TRP A 147 -34.44 -21.51 -38.14
C TRP A 147 -33.75 -20.44 -38.95
N SER A 148 -34.55 -19.46 -39.34
CA SER A 148 -34.09 -18.28 -40.06
C SER A 148 -34.36 -17.15 -39.09
N GLN A 149 -33.65 -16.04 -39.19
CA GLN A 149 -33.89 -14.97 -38.26
C GLN A 149 -34.11 -13.65 -38.95
N ILE A 150 -34.97 -12.81 -38.36
CA ILE A 150 -35.23 -11.51 -38.94
C ILE A 150 -34.08 -10.60 -38.52
N PRO A 151 -33.60 -9.78 -39.46
CA PRO A 151 -32.50 -8.87 -39.17
C PRO A 151 -32.67 -8.21 -37.80
N PRO A 152 -31.63 -8.26 -36.97
CA PRO A 152 -31.62 -7.69 -35.63
C PRO A 152 -32.04 -6.23 -35.59
N GLU A 153 -31.53 -5.43 -36.52
CA GLU A 153 -31.86 -4.01 -36.56
C GLU A 153 -33.35 -3.72 -36.73
N ASP A 154 -34.09 -4.62 -37.35
CA ASP A 154 -35.51 -4.42 -37.55
C ASP A 154 -36.36 -4.71 -36.31
N THR A 155 -35.74 -5.21 -35.24
CA THR A 155 -36.47 -5.49 -34.00
C THR A 155 -35.59 -5.07 -32.83
N ALA A 156 -35.16 -3.79 -32.87
CA ALA A 156 -34.27 -3.22 -31.87
C ALA A 156 -34.81 -2.33 -30.76
N SER A 157 -36.12 -2.23 -30.63
CA SER A 157 -36.70 -1.46 -29.53
C SER A 157 -38.03 -2.10 -29.19
N THR A 158 -38.49 -1.86 -27.97
CA THR A 158 -39.72 -2.43 -27.48
C THR A 158 -40.88 -2.29 -28.44
N ARG A 159 -41.64 -3.38 -28.56
CA ARG A 159 -42.83 -3.47 -29.40
C ARG A 159 -43.54 -4.75 -28.97
N SER A 160 -44.82 -4.86 -29.32
CA SER A 160 -45.63 -6.01 -28.95
C SER A 160 -46.13 -6.73 -30.18
N SER A 161 -45.63 -6.30 -31.34
CA SER A 161 -46.03 -6.90 -32.58
C SER A 161 -45.03 -6.62 -33.70
N PHE A 162 -45.04 -7.49 -34.70
CA PHE A 162 -44.16 -7.37 -35.85
C PHE A 162 -44.85 -8.09 -36.99
N THR A 163 -44.75 -7.54 -38.20
CA THR A 163 -45.38 -8.20 -39.32
C THR A 163 -44.28 -8.67 -40.24
N VAL A 164 -44.18 -9.99 -40.38
CA VAL A 164 -43.17 -10.60 -41.23
C VAL A 164 -43.68 -10.69 -42.66
N GLN A 165 -42.84 -10.32 -43.62
CA GLN A 165 -43.23 -10.40 -45.01
C GLN A 165 -42.20 -11.07 -45.93
N ASP A 166 -42.53 -11.13 -47.22
CA ASP A 166 -41.69 -11.73 -48.26
C ASP A 166 -41.65 -13.26 -48.07
N LEU A 167 -42.67 -13.79 -47.41
CA LEU A 167 -42.76 -15.22 -47.18
C LEU A 167 -43.38 -15.88 -48.41
N LYS A 168 -43.17 -17.20 -48.55
CA LYS A 168 -43.73 -17.92 -49.67
C LYS A 168 -45.22 -18.13 -49.40
N PRO A 169 -46.07 -18.01 -50.44
CA PRO A 169 -47.52 -18.18 -50.35
C PRO A 169 -47.94 -19.59 -49.97
N PHE A 170 -49.10 -19.71 -49.33
CA PHE A 170 -49.64 -21.00 -48.90
C PHE A 170 -48.59 -21.83 -48.17
N THR A 171 -47.96 -21.23 -47.16
CA THR A 171 -46.98 -21.98 -46.42
C THR A 171 -47.22 -21.79 -44.92
N GLU A 172 -47.00 -22.85 -44.17
CA GLU A 172 -47.16 -22.81 -42.72
C GLU A 172 -45.81 -22.38 -42.12
N TYR A 173 -45.88 -21.55 -41.07
CA TYR A 173 -44.67 -21.06 -40.43
C TYR A 173 -44.69 -21.15 -38.91
N VAL A 174 -43.51 -21.39 -38.34
CA VAL A 174 -43.36 -21.48 -36.89
C VAL A 174 -42.56 -20.27 -36.45
N PHE A 175 -42.87 -19.76 -35.25
CA PHE A 175 -42.17 -18.58 -34.75
C PHE A 175 -41.77 -18.68 -33.30
N ARG A 176 -40.73 -17.94 -32.93
CA ARG A 176 -40.29 -17.86 -31.55
C ARG A 176 -39.56 -16.54 -31.41
N ILE A 177 -39.56 -16.01 -30.19
CA ILE A 177 -38.95 -14.74 -29.96
C ILE A 177 -38.32 -14.72 -28.56
N ARG A 178 -37.29 -13.88 -28.43
CA ARG A 178 -36.60 -13.67 -27.18
C ARG A 178 -36.20 -12.19 -27.10
N CYS A 179 -35.94 -11.72 -25.88
CA CYS A 179 -35.58 -10.32 -25.68
C CYS A 179 -34.53 -10.10 -24.60
N MET A 180 -34.03 -8.87 -24.53
CA MET A 180 -33.05 -8.44 -23.55
C MET A 180 -32.89 -6.92 -23.68
N LYS A 181 -32.22 -6.32 -22.70
CA LYS A 181 -32.00 -4.89 -22.67
C LYS A 181 -31.55 -4.43 -24.05
N GLU A 182 -32.13 -3.33 -24.51
CA GLU A 182 -31.87 -2.77 -25.81
C GLU A 182 -30.42 -2.47 -26.18
N ASP A 183 -29.57 -2.17 -25.19
CA ASP A 183 -28.19 -1.87 -25.48
C ASP A 183 -27.26 -3.05 -25.56
N GLY A 184 -27.83 -4.25 -25.42
CA GLY A 184 -27.05 -5.47 -25.49
C GLY A 184 -26.31 -5.81 -24.21
N LYS A 185 -26.47 -4.99 -23.19
CA LYS A 185 -25.83 -5.23 -21.91
C LYS A 185 -26.77 -6.06 -21.04
N GLY A 186 -26.53 -7.36 -20.96
CA GLY A 186 -27.37 -8.22 -20.15
C GLY A 186 -27.33 -9.64 -20.68
N TYR A 187 -28.42 -10.37 -20.55
CA TYR A 187 -28.43 -11.74 -21.07
C TYR A 187 -29.72 -11.99 -21.83
N TRP A 188 -29.63 -12.70 -22.95
CA TRP A 188 -30.84 -13.00 -23.68
C TRP A 188 -31.80 -13.82 -22.85
N SER A 189 -33.09 -13.63 -23.08
CA SER A 189 -34.06 -14.41 -22.36
C SER A 189 -34.15 -15.75 -23.07
N ASP A 190 -34.80 -16.72 -22.43
CA ASP A 190 -35.04 -18.02 -23.05
C ASP A 190 -36.01 -17.75 -24.20
N TRP A 191 -36.26 -18.74 -25.04
CA TRP A 191 -37.21 -18.52 -26.12
C TRP A 191 -38.64 -18.61 -25.62
N SER A 192 -39.54 -18.05 -26.42
CA SER A 192 -40.95 -18.06 -26.11
C SER A 192 -41.48 -19.39 -26.61
N GLU A 193 -42.75 -19.65 -26.33
CA GLU A 193 -43.41 -20.85 -26.82
C GLU A 193 -43.55 -20.62 -28.32
N GLU A 194 -43.49 -21.68 -29.11
CA GLU A 194 -43.62 -21.49 -30.53
C GLU A 194 -45.07 -21.13 -30.92
N ALA A 195 -45.26 -20.57 -32.12
CA ALA A 195 -46.57 -20.20 -32.63
C ALA A 195 -46.54 -20.42 -34.13
N SER A 196 -47.64 -20.91 -34.69
CA SER A 196 -47.67 -21.19 -36.11
C SER A 196 -48.78 -20.44 -36.81
N GLY A 197 -48.71 -20.44 -38.13
CA GLY A 197 -49.71 -19.77 -38.94
C GLY A 197 -49.44 -20.03 -40.41
N ILE A 198 -50.48 -20.01 -41.23
CA ILE A 198 -50.31 -20.24 -42.67
C ILE A 198 -50.65 -18.97 -43.42
N THR A 199 -50.20 -18.88 -44.66
CA THR A 199 -50.45 -17.69 -45.46
C THR A 199 -51.38 -17.94 -46.69
N TYR A 200 -51.93 -16.84 -47.23
CA TYR A 200 -52.80 -16.85 -48.40
C TYR A 200 -51.94 -17.18 -49.64
N GLU A 201 -52.56 -17.18 -50.83
CA GLU A 201 -51.82 -17.48 -52.08
C GLU A 201 -52.28 -16.69 -53.29
N CYS B 1 -22.61 11.76 5.52
CA CYS B 1 -21.73 11.71 4.30
C CYS B 1 -20.56 10.72 4.29
N ALA B 2 -20.62 9.68 5.10
CA ALA B 2 -19.57 8.68 5.10
C ALA B 2 -19.77 7.83 3.85
N ILE B 3 -18.73 7.66 3.07
CA ILE B 3 -18.76 6.85 1.84
C ILE B 3 -17.92 5.57 2.00
N ARG B 4 -18.31 4.46 1.34
CA ARG B 4 -17.54 3.20 1.41
C ARG B 4 -16.65 3.03 0.20
N HIS B 5 -16.82 3.90 -0.79
CA HIS B 5 -16.03 3.90 -2.01
C HIS B 5 -16.65 5.00 -2.89
N PRO B 6 -15.97 5.40 -3.97
CA PRO B 6 -16.46 6.45 -4.88
C PRO B 6 -17.88 6.32 -5.39
N CYS B 7 -18.65 7.39 -5.18
CA CYS B 7 -20.02 7.46 -5.64
C CYS B 7 -19.93 7.47 -7.16
N HIS B 8 -21.02 7.01 -7.79
CA HIS B 8 -21.12 6.92 -9.23
C HIS B 8 -21.18 8.28 -9.93
N ASN B 9 -20.72 8.31 -11.18
CA ASN B 9 -20.68 9.55 -11.95
C ASN B 9 -21.87 9.79 -12.87
N ASN B 10 -22.95 9.02 -12.70
CA ASN B 10 -24.13 9.23 -13.53
C ASN B 10 -25.34 9.29 -12.60
N LEU B 11 -25.10 9.84 -11.41
CA LEU B 11 -26.11 9.97 -10.41
C LEU B 11 -27.41 10.64 -10.83
N MET B 12 -27.32 11.83 -11.41
CA MET B 12 -28.56 12.51 -11.78
C MET B 12 -29.41 11.71 -12.76
N ASN B 13 -28.76 10.98 -13.67
CA ASN B 13 -29.53 10.17 -14.61
C ASN B 13 -30.19 8.98 -13.92
N GLN B 14 -29.51 8.47 -12.88
CA GLN B 14 -30.04 7.33 -12.18
C GLN B 14 -31.21 7.71 -11.31
N ILE B 15 -31.13 8.84 -10.61
CA ILE B 15 -32.26 9.19 -9.75
C ILE B 15 -33.48 9.52 -10.62
N ARG B 16 -33.20 10.01 -11.83
CA ARG B 16 -34.26 10.34 -12.76
C ARG B 16 -34.97 9.04 -13.11
N SER B 17 -34.19 8.00 -13.40
CA SER B 17 -34.75 6.67 -13.71
C SER B 17 -35.50 6.15 -12.50
N GLN B 18 -35.00 6.47 -11.29
CA GLN B 18 -35.63 6.00 -10.05
C GLN B 18 -36.95 6.69 -9.80
N LEU B 19 -37.00 8.00 -10.10
CA LEU B 19 -38.24 8.74 -9.91
C LEU B 19 -39.28 8.25 -10.89
N ALA B 20 -38.87 8.03 -12.15
CA ALA B 20 -39.79 7.54 -13.16
C ALA B 20 -40.38 6.23 -12.69
N GLN B 21 -39.51 5.35 -12.17
CA GLN B 21 -39.91 4.03 -11.71
C GLN B 21 -40.96 4.13 -10.64
N LEU B 22 -40.76 5.05 -9.72
CA LEU B 22 -41.70 5.26 -8.65
C LEU B 22 -43.03 5.71 -9.23
N ASN B 23 -42.95 6.79 -9.99
CA ASN B 23 -44.08 7.41 -10.62
C ASN B 23 -44.92 6.44 -11.46
N GLY B 24 -44.25 5.53 -12.14
CA GLY B 24 -44.98 4.57 -12.96
C GLY B 24 -45.65 3.39 -12.29
N SER B 25 -45.58 3.29 -10.97
CA SER B 25 -46.19 2.16 -10.30
C SER B 25 -46.93 2.62 -9.08
N ALA B 26 -46.93 3.94 -8.87
CA ALA B 26 -47.58 4.52 -7.72
C ALA B 26 -49.09 4.35 -7.83
N ASN B 27 -49.59 4.53 -9.04
CA ASN B 27 -51.02 4.38 -9.25
C ASN B 27 -51.46 2.98 -8.93
N ALA B 28 -50.64 2.01 -9.31
CA ALA B 28 -50.98 0.64 -9.05
C ALA B 28 -50.93 0.33 -7.55
N LEU B 29 -50.00 0.98 -6.83
CA LEU B 29 -49.86 0.77 -5.39
C LEU B 29 -51.07 1.35 -4.67
N PHE B 30 -51.47 2.54 -5.12
CA PHE B 30 -52.63 3.21 -4.55
C PHE B 30 -53.84 2.30 -4.73
N ILE B 31 -54.13 1.96 -6.00
CA ILE B 31 -55.26 1.09 -6.35
C ILE B 31 -55.24 -0.19 -5.52
N LEU B 32 -54.07 -0.81 -5.41
CA LEU B 32 -53.95 -2.05 -4.65
C LEU B 32 -54.36 -1.84 -3.22
N TYR B 33 -53.90 -0.74 -2.65
CA TYR B 33 -54.19 -0.44 -1.26
C TYR B 33 -55.67 -0.26 -0.94
N TYR B 34 -56.37 0.66 -1.61
CA TYR B 34 -57.77 0.84 -1.26
C TYR B 34 -58.60 -0.39 -1.56
N THR B 35 -58.31 -1.04 -2.68
CA THR B 35 -59.04 -2.25 -3.06
C THR B 35 -58.89 -3.32 -2.01
N ALA B 36 -57.76 -3.33 -1.33
CA ALA B 36 -57.50 -4.33 -0.31
C ALA B 36 -58.18 -4.00 1.02
N GLN B 37 -58.55 -2.75 1.20
CA GLN B 37 -59.18 -2.34 2.45
C GLN B 37 -60.67 -2.67 2.46
N GLY B 38 -61.30 -2.66 1.28
CA GLY B 38 -62.72 -2.95 1.17
C GLY B 38 -63.56 -1.75 1.55
N GLU B 39 -64.89 -1.94 1.64
CA GLU B 39 -65.77 -0.84 2.01
C GLU B 39 -65.29 -0.30 3.37
N PRO B 40 -65.44 1.00 3.59
CA PRO B 40 -66.01 1.97 2.65
C PRO B 40 -65.01 2.73 1.80
N PHE B 41 -63.82 2.17 1.57
CA PHE B 41 -62.80 2.91 0.81
C PHE B 41 -62.94 3.01 -0.70
N PRO B 42 -63.17 1.88 -1.39
CA PRO B 42 -63.30 2.01 -2.84
C PRO B 42 -64.30 3.08 -3.29
N ASN B 43 -65.47 3.13 -2.64
CA ASN B 43 -66.49 4.10 -3.05
C ASN B 43 -66.32 5.54 -2.58
N ASN B 44 -65.54 5.76 -1.52
CA ASN B 44 -65.32 7.09 -0.96
C ASN B 44 -63.85 7.53 -1.01
N LEU B 45 -63.22 7.37 -2.16
CA LEU B 45 -61.81 7.72 -2.33
C LEU B 45 -61.45 9.16 -2.04
N ASP B 46 -62.32 10.08 -2.45
CA ASP B 46 -62.10 11.51 -2.28
C ASP B 46 -61.98 12.02 -0.84
N LYS B 47 -62.71 11.39 0.08
CA LYS B 47 -62.63 11.85 1.46
C LYS B 47 -61.92 10.87 2.37
N LEU B 48 -61.54 9.70 1.85
CA LEU B 48 -60.81 8.73 2.65
C LEU B 48 -59.40 8.49 2.12
N CYS B 49 -59.13 8.97 0.90
CA CYS B 49 -57.82 8.77 0.29
C CYS B 49 -57.33 9.97 -0.51
N GLY B 50 -57.57 11.17 0.00
CA GLY B 50 -57.11 12.36 -0.70
C GLY B 50 -55.67 12.65 -0.38
N PRO B 51 -55.02 13.57 -1.11
CA PRO B 51 -53.62 13.98 -0.93
C PRO B 51 -53.37 15.08 0.09
N ASN B 52 -53.48 14.79 1.38
CA ASN B 52 -53.26 15.83 2.41
C ASN B 52 -51.80 16.13 2.83
N VAL B 53 -51.29 17.32 2.47
CA VAL B 53 -49.92 17.75 2.82
C VAL B 53 -49.75 18.07 4.33
N THR B 54 -50.37 17.25 5.20
CA THR B 54 -50.34 17.45 6.66
C THR B 54 -49.07 18.11 7.15
N ASP B 55 -48.16 17.29 7.65
CA ASP B 55 -46.86 17.75 8.14
C ASP B 55 -45.87 17.38 7.05
N PHE B 56 -46.41 16.70 6.02
CA PHE B 56 -45.64 16.22 4.87
C PHE B 56 -44.62 17.24 4.37
N PRO B 57 -43.37 16.80 4.21
CA PRO B 57 -42.33 17.71 3.73
C PRO B 57 -42.67 18.46 2.45
N PRO B 58 -42.20 19.71 2.33
CA PRO B 58 -42.41 20.57 1.17
C PRO B 58 -41.46 20.30 0.02
N PHE B 59 -41.85 20.77 -1.16
CA PHE B 59 -41.03 20.64 -2.35
C PHE B 59 -41.30 21.82 -3.27
N HIS B 60 -40.23 22.53 -3.60
CA HIS B 60 -40.32 23.70 -4.46
C HIS B 60 -39.64 23.34 -5.79
N ALA B 61 -40.44 22.85 -6.73
CA ALA B 61 -39.92 22.45 -8.04
C ALA B 61 -39.14 23.56 -8.74
N ASN B 62 -39.28 24.76 -8.20
CA ASN B 62 -38.64 25.94 -8.75
C ASN B 62 -37.25 26.22 -8.15
N GLY B 63 -36.85 25.39 -7.21
CA GLY B 63 -35.56 25.59 -6.56
C GLY B 63 -34.32 25.15 -7.33
N THR B 64 -33.16 25.32 -6.69
CA THR B 64 -31.89 24.93 -7.29
C THR B 64 -31.79 23.43 -7.24
N GLU B 65 -30.81 22.86 -7.93
CA GLU B 65 -30.65 21.43 -7.88
C GLU B 65 -30.41 21.00 -6.44
N LYS B 66 -29.45 21.63 -5.79
CA LYS B 66 -29.14 21.32 -4.40
C LYS B 66 -30.36 21.40 -3.51
N ALA B 67 -31.15 22.46 -3.65
CA ALA B 67 -32.33 22.62 -2.81
C ALA B 67 -33.42 21.58 -3.06
N LYS B 68 -33.54 21.14 -4.30
CA LYS B 68 -34.55 20.14 -4.63
C LYS B 68 -34.14 18.76 -4.10
N LEU B 69 -32.86 18.44 -4.23
CA LEU B 69 -32.34 17.16 -3.76
C LEU B 69 -32.48 17.05 -2.24
N VAL B 70 -32.32 18.18 -1.56
CA VAL B 70 -32.44 18.19 -0.10
C VAL B 70 -33.90 18.01 0.31
N GLU B 71 -34.81 18.53 -0.49
CA GLU B 71 -36.20 18.38 -0.19
C GLU B 71 -36.62 16.97 -0.56
N LEU B 72 -36.09 16.49 -1.69
CA LEU B 72 -36.38 15.14 -2.17
C LEU B 72 -35.92 14.15 -1.11
N TYR B 73 -34.79 14.45 -0.50
CA TYR B 73 -34.23 13.58 0.53
C TYR B 73 -35.15 13.48 1.74
N ARG B 74 -35.56 14.62 2.28
CA ARG B 74 -36.45 14.58 3.43
C ARG B 74 -37.77 13.89 3.10
N ILE B 75 -38.19 14.03 1.84
CA ILE B 75 -39.45 13.41 1.39
C ILE B 75 -39.35 11.89 1.34
N VAL B 76 -38.27 11.40 0.73
CA VAL B 76 -38.05 9.97 0.65
C VAL B 76 -37.99 9.37 2.07
N VAL B 77 -37.25 10.03 2.97
CA VAL B 77 -37.15 9.53 4.33
C VAL B 77 -38.55 9.47 4.92
N TYR B 78 -39.30 10.55 4.78
CA TYR B 78 -40.64 10.60 5.32
C TYR B 78 -41.52 9.48 4.72
N LEU B 79 -41.46 9.34 3.40
CA LEU B 79 -42.23 8.30 2.73
C LEU B 79 -41.74 6.95 3.18
N GLY B 80 -40.41 6.80 3.20
CA GLY B 80 -39.82 5.54 3.58
C GLY B 80 -40.30 5.07 4.92
N THR B 81 -40.33 5.97 5.88
CA THR B 81 -40.78 5.56 7.20
C THR B 81 -42.30 5.38 7.24
N SER B 82 -43.02 6.25 6.53
CA SER B 82 -44.47 6.11 6.49
C SER B 82 -44.81 4.75 5.91
N LEU B 83 -44.02 4.34 4.93
CA LEU B 83 -44.24 3.07 4.25
C LEU B 83 -44.02 1.84 5.14
N GLY B 84 -43.11 1.96 6.10
CA GLY B 84 -42.83 0.86 7.00
C GLY B 84 -44.01 0.65 7.92
N ASN B 85 -44.56 1.74 8.43
CA ASN B 85 -45.71 1.65 9.32
C ASN B 85 -46.90 1.07 8.55
N ILE B 86 -47.16 1.63 7.37
CA ILE B 86 -48.26 1.14 6.56
C ILE B 86 -48.17 -0.37 6.39
N THR B 87 -47.00 -0.85 5.98
CA THR B 87 -46.85 -2.28 5.77
C THR B 87 -46.98 -3.09 7.07
N ARG B 88 -46.46 -2.54 8.15
CA ARG B 88 -46.53 -3.21 9.44
C ARG B 88 -48.00 -3.46 9.75
N ASP B 89 -48.82 -2.41 9.62
CA ASP B 89 -50.25 -2.51 9.89
C ASP B 89 -50.97 -3.41 8.89
N GLN B 90 -50.69 -3.21 7.60
CA GLN B 90 -51.33 -4.00 6.56
C GLN B 90 -51.09 -5.49 6.65
N LYS B 91 -49.97 -5.90 7.23
CA LYS B 91 -49.69 -7.32 7.37
C LYS B 91 -50.56 -7.91 8.47
N ILE B 92 -51.04 -7.03 9.34
CA ILE B 92 -51.91 -7.41 10.44
C ILE B 92 -53.39 -7.28 10.01
N LEU B 93 -53.80 -6.07 9.64
CA LEU B 93 -55.17 -5.83 9.23
C LEU B 93 -55.59 -6.64 8.01
N ASN B 94 -54.77 -6.71 6.97
CA ASN B 94 -55.15 -7.45 5.77
C ASN B 94 -54.12 -8.50 5.41
N PRO B 95 -53.92 -9.50 6.29
CA PRO B 95 -52.96 -10.59 6.12
C PRO B 95 -53.08 -11.32 4.78
N SER B 96 -54.23 -11.19 4.15
CA SER B 96 -54.51 -11.83 2.88
C SER B 96 -54.06 -11.03 1.62
N ALA B 97 -53.89 -9.72 1.74
CA ALA B 97 -53.47 -8.89 0.60
C ALA B 97 -52.02 -9.12 0.27
N LEU B 98 -51.70 -10.34 -0.14
CA LEU B 98 -50.34 -10.71 -0.48
C LEU B 98 -49.73 -9.75 -1.48
N SER B 99 -50.43 -9.54 -2.61
CA SER B 99 -49.93 -8.64 -3.63
C SER B 99 -49.59 -7.28 -3.02
N LEU B 100 -50.48 -6.75 -2.18
CA LEU B 100 -50.25 -5.46 -1.56
C LEU B 100 -48.95 -5.40 -0.76
N HIS B 101 -48.74 -6.36 0.13
CA HIS B 101 -47.51 -6.39 0.92
C HIS B 101 -46.33 -6.31 -0.03
N SER B 102 -46.31 -7.21 -1.01
CA SER B 102 -45.25 -7.27 -2.00
C SER B 102 -44.91 -5.91 -2.64
N LYS B 103 -45.89 -5.24 -3.24
CA LYS B 103 -45.68 -3.94 -3.89
C LYS B 103 -45.25 -2.86 -2.90
N LEU B 104 -45.58 -3.04 -1.63
CA LEU B 104 -45.20 -2.08 -0.60
C LEU B 104 -43.69 -2.17 -0.40
N ASN B 105 -43.21 -3.40 -0.27
CA ASN B 105 -41.77 -3.64 -0.06
C ASN B 105 -40.98 -3.23 -1.27
N ALA B 106 -41.50 -3.59 -2.44
CA ALA B 106 -40.85 -3.27 -3.70
C ALA B 106 -40.66 -1.75 -3.81
N THR B 107 -41.64 -0.99 -3.33
CA THR B 107 -41.55 0.46 -3.37
C THR B 107 -40.59 0.95 -2.27
N ALA B 108 -40.59 0.26 -1.14
CA ALA B 108 -39.70 0.62 -0.06
C ALA B 108 -38.23 0.43 -0.52
N ASP B 109 -37.96 -0.68 -1.22
CA ASP B 109 -36.61 -0.98 -1.76
C ASP B 109 -36.18 0.13 -2.74
N ILE B 110 -37.02 0.44 -3.73
CA ILE B 110 -36.69 1.49 -4.69
C ILE B 110 -36.38 2.79 -3.97
N LEU B 111 -37.16 3.12 -2.95
CA LEU B 111 -36.97 4.35 -2.17
C LEU B 111 -35.61 4.42 -1.46
N ARG B 112 -35.15 3.30 -0.90
CA ARG B 112 -33.85 3.26 -0.22
C ARG B 112 -32.76 3.54 -1.23
N GLY B 113 -32.91 2.98 -2.42
CA GLY B 113 -31.89 3.21 -3.41
C GLY B 113 -31.86 4.69 -3.76
N LEU B 114 -33.02 5.32 -3.75
CA LEU B 114 -33.09 6.72 -4.09
C LEU B 114 -32.36 7.54 -3.05
N LEU B 115 -32.51 7.15 -1.79
CA LEU B 115 -31.82 7.84 -0.69
C LEU B 115 -30.31 7.78 -0.89
N SER B 116 -29.81 6.59 -1.20
CA SER B 116 -28.40 6.39 -1.41
C SER B 116 -27.94 7.33 -2.51
N ASN B 117 -28.54 7.24 -3.68
CA ASN B 117 -28.13 8.12 -4.78
C ASN B 117 -28.26 9.62 -4.44
N VAL B 118 -29.40 10.04 -3.88
CA VAL B 118 -29.57 11.45 -3.55
C VAL B 118 -28.51 11.89 -2.56
N LEU B 119 -28.25 11.06 -1.55
CA LEU B 119 -27.24 11.35 -0.53
C LEU B 119 -25.88 11.47 -1.18
N CYS B 120 -25.64 10.66 -2.21
CA CYS B 120 -24.37 10.69 -2.91
C CYS B 120 -24.08 11.97 -3.72
N ARG B 121 -25.08 12.50 -4.44
CA ARG B 121 -24.86 13.72 -5.24
C ARG B 121 -24.74 14.87 -4.24
N LEU B 122 -25.58 14.83 -3.21
CA LEU B 122 -25.61 15.87 -2.19
C LEU B 122 -24.27 15.98 -1.44
N CYS B 123 -23.61 14.85 -1.23
CA CYS B 123 -22.32 14.86 -0.54
C CYS B 123 -21.23 15.13 -1.55
N SER B 124 -21.20 14.34 -2.62
CA SER B 124 -20.17 14.51 -3.64
C SER B 124 -20.15 15.87 -4.37
N LYS B 125 -21.32 16.40 -4.74
CA LYS B 125 -21.38 17.66 -5.47
C LYS B 125 -21.53 18.89 -4.58
N TYR B 126 -22.38 18.81 -3.57
CA TYR B 126 -22.62 19.95 -2.70
C TYR B 126 -21.98 19.96 -1.32
N HIS B 127 -21.22 18.90 -0.99
CA HIS B 127 -20.54 18.78 0.31
C HIS B 127 -21.43 19.28 1.44
N VAL B 128 -22.65 18.78 1.45
CA VAL B 128 -23.67 19.15 2.41
C VAL B 128 -23.38 18.91 3.90
N GLY B 129 -22.47 18.00 4.22
CA GLY B 129 -22.20 17.74 5.63
C GLY B 129 -23.18 16.71 6.16
N HIS B 130 -24.46 16.99 5.98
CA HIS B 130 -25.51 16.06 6.38
C HIS B 130 -26.88 16.70 6.13
N VAL B 131 -27.94 15.89 6.22
CA VAL B 131 -29.30 16.39 6.02
C VAL B 131 -30.15 16.20 7.27
N ASP B 132 -31.04 17.16 7.49
CA ASP B 132 -31.91 17.17 8.65
C ASP B 132 -33.14 16.26 8.58
N VAL B 133 -33.38 15.59 9.70
CA VAL B 133 -34.47 14.61 9.90
C VAL B 133 -35.93 15.10 9.95
N THR B 134 -36.84 14.20 9.57
CA THR B 134 -38.29 14.44 9.57
C THR B 134 -38.98 13.09 9.32
N TYR B 135 -39.57 12.48 10.34
CA TYR B 135 -40.23 11.18 10.18
C TYR B 135 -41.77 11.24 10.28
N GLY B 136 -42.44 10.18 9.80
CA GLY B 136 -43.89 10.07 9.85
C GLY B 136 -44.24 9.41 11.19
N PRO B 137 -45.07 10.04 12.02
CA PRO B 137 -45.50 9.56 13.35
C PRO B 137 -46.53 8.44 13.50
N ASP B 138 -46.41 7.39 12.67
CA ASP B 138 -47.33 6.26 12.73
C ASP B 138 -48.12 6.10 14.02
N THR B 139 -47.43 5.73 15.10
CA THR B 139 -48.06 5.56 16.40
C THR B 139 -49.36 4.79 16.46
N SER B 140 -49.77 4.44 17.68
CA SER B 140 -51.02 3.73 17.87
C SER B 140 -52.17 4.72 17.93
N GLY B 141 -51.85 5.98 17.62
CA GLY B 141 -52.85 7.04 17.62
C GLY B 141 -53.93 6.86 16.58
N LYS B 142 -54.79 5.86 16.79
CA LYS B 142 -55.87 5.60 15.86
C LYS B 142 -56.41 4.18 15.89
N ASP B 143 -57.73 4.06 15.94
CA ASP B 143 -58.33 2.75 15.91
C ASP B 143 -58.05 2.23 14.52
N VAL B 144 -58.23 0.94 14.29
CA VAL B 144 -57.98 0.35 12.97
C VAL B 144 -58.35 1.27 11.81
N PHE B 145 -59.48 1.97 11.90
CA PHE B 145 -59.91 2.83 10.83
C PHE B 145 -59.00 4.03 10.53
N GLN B 146 -58.50 4.70 11.55
CA GLN B 146 -57.63 5.86 11.32
C GLN B 146 -56.35 5.37 10.65
N LYS B 147 -55.89 4.17 10.98
CA LYS B 147 -54.68 3.66 10.36
C LYS B 147 -54.95 3.55 8.87
N LYS B 148 -55.96 2.76 8.52
CA LYS B 148 -56.36 2.54 7.14
C LYS B 148 -56.51 3.84 6.34
N LYS B 149 -57.07 4.87 6.98
CA LYS B 149 -57.27 6.15 6.32
C LYS B 149 -55.96 6.89 6.19
N LEU B 150 -55.23 6.99 7.29
CA LEU B 150 -53.97 7.71 7.23
C LEU B 150 -53.13 7.06 6.15
N GLY B 151 -53.16 5.73 6.12
CA GLY B 151 -52.39 5.00 5.12
C GLY B 151 -52.84 5.42 3.74
N CYS B 152 -54.14 5.29 3.48
CA CYS B 152 -54.75 5.62 2.19
C CYS B 152 -54.49 7.08 1.76
N GLN B 153 -54.40 7.99 2.72
CA GLN B 153 -54.16 9.40 2.41
C GLN B 153 -52.68 9.64 2.07
N LEU B 154 -51.81 8.87 2.72
CA LEU B 154 -50.39 8.97 2.46
C LEU B 154 -50.14 8.57 1.02
N LEU B 155 -50.62 7.39 0.65
CA LEU B 155 -50.45 6.89 -0.71
C LEU B 155 -51.08 7.86 -1.70
N GLY B 156 -52.17 8.49 -1.29
CA GLY B 156 -52.83 9.47 -2.13
C GLY B 156 -51.86 10.61 -2.34
N LYS B 157 -51.27 11.10 -1.23
CA LYS B 157 -50.29 12.19 -1.31
C LYS B 157 -49.07 11.76 -2.10
N TYR B 158 -48.64 10.52 -1.88
CA TYR B 158 -47.48 9.94 -2.56
C TYR B 158 -47.65 9.97 -4.08
N LYS B 159 -48.79 9.48 -4.55
CA LYS B 159 -49.14 9.44 -5.98
C LYS B 159 -49.05 10.83 -6.64
N GLN B 160 -49.51 11.85 -5.92
CA GLN B 160 -49.49 13.21 -6.41
C GLN B 160 -48.11 13.86 -6.39
N ILE B 161 -47.45 13.77 -5.25
CA ILE B 161 -46.14 14.38 -5.10
C ILE B 161 -45.08 13.72 -6.02
N ILE B 162 -45.17 12.40 -6.13
CA ILE B 162 -44.19 11.70 -6.94
C ILE B 162 -44.15 12.20 -8.37
N ALA B 163 -45.33 12.45 -8.94
CA ALA B 163 -45.47 12.92 -10.32
C ALA B 163 -44.84 14.30 -10.49
N VAL B 164 -45.00 15.12 -9.46
CA VAL B 164 -44.43 16.45 -9.45
C VAL B 164 -42.93 16.34 -9.40
N LEU B 165 -42.43 15.40 -8.60
CA LEU B 165 -40.99 15.18 -8.46
C LEU B 165 -40.37 14.55 -9.72
N ALA B 166 -41.07 13.56 -10.28
CA ALA B 166 -40.59 12.85 -11.46
C ALA B 166 -40.24 13.73 -12.62
N GLN B 167 -40.89 14.88 -12.77
CA GLN B 167 -40.52 15.72 -13.90
C GLN B 167 -39.98 17.10 -13.52
N ALA B 168 -39.22 17.14 -12.44
CA ALA B 168 -38.63 18.38 -11.95
C ALA B 168 -37.11 18.25 -11.85
N PHE B 169 -36.58 17.14 -12.32
CA PHE B 169 -35.12 16.90 -12.29
C PHE B 169 -34.58 16.56 -13.68
N GLY C 1 61.31 -29.67 27.98
CA GLY C 1 60.80 -28.31 28.40
C GLY C 1 61.65 -27.14 27.92
N LEU C 2 61.07 -26.20 27.16
CA LEU C 2 61.85 -25.05 26.63
C LEU C 2 61.21 -23.66 26.75
N PRO C 3 62.02 -22.60 26.62
CA PRO C 3 61.45 -21.25 26.72
C PRO C 3 60.77 -20.93 25.40
N PRO C 4 59.76 -20.04 25.39
CA PRO C 4 59.10 -19.73 24.11
C PRO C 4 59.95 -18.91 23.13
N GLU C 5 59.76 -19.14 21.84
CA GLU C 5 60.49 -18.37 20.87
C GLU C 5 59.77 -17.06 20.69
N LYS C 6 60.54 -16.02 20.35
CA LYS C 6 59.96 -14.70 20.11
C LYS C 6 58.92 -14.92 19.03
N PRO C 7 57.65 -14.58 19.30
CA PRO C 7 56.63 -14.77 18.27
C PRO C 7 56.95 -13.90 17.05
N LYS C 8 56.51 -14.31 15.87
CA LYS C 8 56.77 -13.50 14.69
C LYS C 8 55.63 -13.54 13.64
N ASN C 9 55.72 -12.65 12.66
CA ASN C 9 54.71 -12.56 11.59
C ASN C 9 53.43 -12.02 12.14
N LEU C 10 53.52 -11.10 13.08
CA LEU C 10 52.31 -10.54 13.62
C LEU C 10 51.62 -9.72 12.52
N SER C 11 50.34 -9.96 12.31
CA SER C 11 49.62 -9.21 11.32
C SER C 11 48.18 -9.10 11.81
N CYS C 12 47.55 -7.95 11.55
CA CYS C 12 46.19 -7.77 12.00
C CYS C 12 45.23 -7.55 10.87
N ILE C 13 43.97 -7.82 11.15
CA ILE C 13 42.98 -7.63 10.13
C ILE C 13 41.71 -7.04 10.75
N VAL C 14 41.02 -6.22 9.96
CA VAL C 14 39.77 -5.62 10.37
C VAL C 14 38.70 -5.86 9.31
N ASN C 15 37.89 -6.90 9.51
CA ASN C 15 36.80 -7.16 8.59
C ASN C 15 35.83 -5.99 8.88
N GLU C 16 35.26 -5.40 7.83
CA GLU C 16 34.37 -4.27 8.04
C GLU C 16 33.29 -4.67 9.04
N GLY C 17 33.06 -3.79 10.01
CA GLY C 17 32.04 -4.04 11.02
C GLY C 17 32.50 -4.76 12.28
N LYS C 18 33.52 -5.59 12.17
CA LYS C 18 34.02 -6.36 13.30
C LYS C 18 35.20 -5.75 14.08
N LYS C 19 35.49 -6.32 15.23
CA LYS C 19 36.61 -5.83 16.01
C LYS C 19 37.90 -6.38 15.40
N MET C 20 39.00 -5.68 15.58
CA MET C 20 40.27 -6.11 15.02
C MET C 20 40.71 -7.51 15.51
N ARG C 21 41.47 -8.19 14.65
CA ARG C 21 41.99 -9.52 14.97
C ARG C 21 43.42 -9.64 14.49
N CYS C 22 44.31 -10.05 15.39
CA CYS C 22 45.70 -10.24 15.02
C CYS C 22 46.10 -11.70 15.20
N GLU C 23 47.02 -12.13 14.36
CA GLU C 23 47.47 -13.51 14.35
C GLU C 23 48.99 -13.50 14.30
N TRP C 24 49.60 -14.56 14.80
CA TRP C 24 51.04 -14.66 14.78
C TRP C 24 51.49 -16.12 14.77
N ASP C 25 52.75 -16.34 14.45
CA ASP C 25 53.34 -17.67 14.43
C ASP C 25 54.01 -17.86 15.79
N GLY C 26 53.53 -18.86 16.53
CA GLY C 26 54.04 -19.16 17.87
C GLY C 26 55.49 -19.59 18.05
N GLY C 27 56.00 -20.46 17.17
CA GLY C 27 57.38 -20.91 17.30
C GLY C 27 57.54 -22.40 17.58
N ARG C 28 58.75 -22.82 17.92
CA ARG C 28 59.00 -24.24 18.19
C ARG C 28 58.28 -24.65 19.45
N GLU C 29 57.67 -25.84 19.40
CA GLU C 29 56.91 -26.38 20.53
C GLU C 29 57.74 -26.33 21.79
N THR C 30 57.14 -25.79 22.83
CA THR C 30 57.79 -25.63 24.12
C THR C 30 57.66 -26.83 25.04
N HIS C 31 56.61 -27.62 24.82
CA HIS C 31 56.30 -28.81 25.61
C HIS C 31 55.78 -28.37 26.97
N LEU C 32 55.74 -27.07 27.19
CA LEU C 32 55.25 -26.52 28.44
C LEU C 32 53.97 -25.77 28.20
N GLU C 33 53.31 -25.36 29.27
CA GLU C 33 52.06 -24.62 29.16
C GLU C 33 52.46 -23.18 28.87
N THR C 34 52.18 -22.72 27.65
CA THR C 34 52.57 -21.38 27.26
C THR C 34 51.42 -20.44 26.98
N ASN C 35 51.48 -19.25 27.57
CA ASN C 35 50.45 -18.22 27.37
C ASN C 35 50.81 -17.07 26.41
N PHE C 36 49.87 -16.74 25.53
CA PHE C 36 50.02 -15.66 24.56
C PHE C 36 49.10 -14.49 24.83
N THR C 37 49.68 -13.31 24.86
CA THR C 37 48.91 -12.10 25.13
C THR C 37 49.16 -11.02 24.07
N LEU C 38 48.09 -10.53 23.47
CA LEU C 38 48.18 -9.49 22.47
C LEU C 38 48.02 -8.16 23.19
N LYS C 39 49.06 -7.33 23.13
CA LYS C 39 49.02 -6.02 23.75
C LYS C 39 48.78 -4.98 22.64
N SER C 40 48.01 -3.94 22.95
CA SER C 40 47.73 -2.87 22.00
C SER C 40 47.56 -1.54 22.72
N GLU C 41 48.02 -0.46 22.12
CA GLU C 41 47.90 0.83 22.78
C GLU C 41 48.04 2.02 21.84
N TRP C 42 47.27 3.06 22.10
CA TRP C 42 47.40 4.29 21.32
C TRP C 42 48.56 4.95 22.01
N ALA C 43 49.04 6.06 21.48
CA ALA C 43 50.18 6.70 22.12
C ALA C 43 49.74 7.36 23.44
N THR C 44 48.43 7.46 23.65
CA THR C 44 47.90 8.12 24.85
C THR C 44 47.01 7.21 25.72
N HIS C 45 46.95 5.92 25.39
CA HIS C 45 46.07 5.02 26.11
C HIS C 45 46.33 3.51 25.93
N LYS C 46 46.51 2.81 27.05
CA LYS C 46 46.75 1.36 27.08
C LYS C 46 45.40 0.70 26.98
N PHE C 47 45.21 -0.17 26.00
CA PHE C 47 43.94 -0.86 25.84
C PHE C 47 43.98 -2.16 26.63
N ALA C 48 42.83 -2.82 26.75
CA ALA C 48 42.77 -4.08 27.50
C ALA C 48 43.61 -5.16 26.82
N ASP C 49 44.41 -5.88 27.59
CA ASP C 49 45.18 -6.96 26.99
C ASP C 49 44.24 -8.01 26.42
N CYS C 50 44.69 -8.76 25.43
CA CYS C 50 43.87 -9.77 24.81
C CYS C 50 44.62 -11.07 25.00
N LYS C 51 44.04 -11.99 25.74
CA LYS C 51 44.65 -13.29 26.03
C LYS C 51 44.13 -14.36 25.07
N ALA C 52 45.05 -15.01 24.35
CA ALA C 52 44.68 -16.05 23.39
C ALA C 52 44.05 -17.29 24.03
N LYS C 53 42.92 -17.73 23.47
CA LYS C 53 42.17 -18.91 23.93
C LYS C 53 42.99 -20.15 23.59
N ARG C 54 42.67 -21.30 24.21
CA ARG C 54 43.38 -22.57 23.92
C ARG C 54 42.97 -23.02 22.54
N ASP C 55 41.68 -22.91 22.25
CA ASP C 55 41.14 -23.28 20.96
C ASP C 55 41.92 -22.64 19.82
N THR C 56 42.16 -21.32 19.94
CA THR C 56 42.87 -20.53 18.94
C THR C 56 44.04 -19.86 19.65
N PRO C 57 45.11 -20.62 19.91
CA PRO C 57 46.33 -20.15 20.60
C PRO C 57 47.19 -19.06 19.99
N THR C 58 47.17 -18.91 18.68
CA THR C 58 48.02 -17.91 18.05
C THR C 58 47.27 -16.77 17.34
N SER C 59 46.11 -16.41 17.86
CA SER C 59 45.29 -15.38 17.29
C SER C 59 44.43 -14.76 18.37
N CYS C 60 44.17 -13.46 18.29
CA CYS C 60 43.32 -12.78 19.27
C CYS C 60 42.45 -11.72 18.62
N THR C 61 41.21 -11.62 19.07
CA THR C 61 40.28 -10.62 18.58
C THR C 61 40.08 -9.71 19.78
N VAL C 62 40.49 -8.45 19.65
CA VAL C 62 40.40 -7.51 20.76
C VAL C 62 39.00 -7.18 21.24
N ASP C 63 38.93 -6.57 22.41
CA ASP C 63 37.64 -6.23 22.97
C ASP C 63 37.21 -4.78 22.75
N TYR C 64 38.08 -3.96 22.19
CA TYR C 64 37.69 -2.58 21.93
C TYR C 64 37.25 -2.44 20.47
N SER C 65 36.47 -1.41 20.17
CA SER C 65 36.01 -1.23 18.80
C SER C 65 37.01 -0.43 17.97
N THR C 66 37.05 -0.74 16.68
CA THR C 66 37.99 -0.11 15.78
C THR C 66 37.81 1.39 15.54
N VAL C 67 38.89 2.12 15.71
CA VAL C 67 38.88 3.56 15.49
C VAL C 67 39.91 3.88 14.42
N TYR C 68 39.43 4.34 13.28
CA TYR C 68 40.31 4.69 12.17
C TYR C 68 41.05 6.03 12.34
N PHE C 69 42.22 6.16 11.71
CA PHE C 69 43.02 7.39 11.74
C PHE C 69 43.75 7.68 13.05
N VAL C 70 43.92 6.66 13.88
CA VAL C 70 44.64 6.80 15.12
C VAL C 70 45.61 5.63 15.17
N ASN C 71 46.91 5.89 15.05
CA ASN C 71 47.87 4.81 15.10
C ASN C 71 47.81 4.03 16.43
N ILE C 72 47.91 2.72 16.30
CA ILE C 72 47.79 1.82 17.43
C ILE C 72 49.05 0.94 17.44
N GLU C 73 49.72 0.80 18.58
CA GLU C 73 50.90 -0.04 18.62
C GLU C 73 50.46 -1.42 19.14
N VAL C 74 51.01 -2.47 18.53
CA VAL C 74 50.62 -3.82 18.89
C VAL C 74 51.79 -4.78 18.97
N TRP C 75 51.68 -5.74 19.89
CA TRP C 75 52.72 -6.75 20.05
C TRP C 75 52.25 -7.96 20.84
N VAL C 76 52.98 -9.06 20.71
CA VAL C 76 52.61 -10.28 21.40
C VAL C 76 53.63 -10.74 22.43
N GLU C 77 53.12 -11.16 23.57
CA GLU C 77 53.96 -11.63 24.66
C GLU C 77 53.72 -13.11 24.86
N ALA C 78 54.81 -13.88 24.90
CA ALA C 78 54.74 -15.30 25.10
C ALA C 78 55.40 -15.59 26.42
N GLU C 79 54.86 -16.57 27.13
CA GLU C 79 55.40 -16.90 28.44
C GLU C 79 55.08 -18.29 28.99
N ASN C 80 56.08 -18.90 29.64
CA ASN C 80 55.94 -20.20 30.28
C ASN C 80 56.98 -20.28 31.39
N ALA C 81 56.90 -21.30 32.23
CA ALA C 81 57.83 -21.46 33.35
C ALA C 81 59.30 -21.13 33.05
N LEU C 82 59.73 -21.31 31.81
CA LEU C 82 61.10 -21.05 31.45
C LEU C 82 61.46 -19.67 30.89
N GLY C 83 60.47 -18.87 30.50
CA GLY C 83 60.80 -17.56 29.97
C GLY C 83 59.64 -16.72 29.48
N LYS C 84 59.81 -15.40 29.51
CA LYS C 84 58.79 -14.47 29.06
C LYS C 84 59.40 -13.63 27.98
N VAL C 85 58.88 -13.71 26.78
CA VAL C 85 59.42 -12.91 25.69
C VAL C 85 58.32 -12.19 24.90
N THR C 86 58.68 -11.09 24.23
CA THR C 86 57.72 -10.32 23.45
C THR C 86 58.14 -10.25 21.99
N SER C 87 57.17 -10.07 21.10
CA SER C 87 57.45 -9.96 19.68
C SER C 87 57.90 -8.53 19.35
N ASP C 88 58.27 -8.31 18.10
CA ASP C 88 58.66 -6.97 17.68
C ASP C 88 57.36 -6.19 17.68
N HIS C 89 57.42 -4.88 17.85
CA HIS C 89 56.18 -4.10 17.84
C HIS C 89 55.86 -3.66 16.43
N ILE C 90 54.58 -3.50 16.13
CA ILE C 90 54.17 -2.96 14.85
C ILE C 90 53.29 -1.76 15.22
N ASN C 91 53.27 -0.75 14.36
CA ASN C 91 52.49 0.45 14.64
C ASN C 91 51.80 0.84 13.35
N PHE C 92 50.47 0.88 13.39
CA PHE C 92 49.72 1.18 12.17
C PHE C 92 48.38 1.83 12.42
N ASP C 93 47.84 2.40 11.33
CA ASP C 93 46.53 3.03 11.33
C ASP C 93 45.63 1.92 10.83
N PRO C 94 44.62 1.50 11.63
CA PRO C 94 43.68 0.44 11.26
C PRO C 94 43.08 0.54 9.87
N VAL C 95 43.21 1.71 9.25
CA VAL C 95 42.67 1.90 7.91
C VAL C 95 43.38 1.08 6.83
N TYR C 96 44.65 0.76 7.04
CA TYR C 96 45.43 -0.01 6.07
C TYR C 96 45.35 -1.52 6.30
N LYS C 97 44.45 -1.94 7.19
CA LYS C 97 44.30 -3.34 7.55
C LYS C 97 42.87 -3.83 7.36
N VAL C 98 42.16 -3.19 6.46
CA VAL C 98 40.76 -3.50 6.20
C VAL C 98 40.35 -4.49 5.09
N LYS C 99 39.39 -5.36 5.41
CA LYS C 99 38.85 -6.27 4.39
C LYS C 99 37.39 -5.86 4.30
N PRO C 100 37.06 -4.98 3.36
CA PRO C 100 35.68 -4.52 3.19
C PRO C 100 34.73 -5.66 2.94
N ASN C 101 33.44 -5.36 2.98
CA ASN C 101 32.42 -6.33 2.63
C ASN C 101 32.39 -6.20 1.12
N PRO C 102 31.92 -7.22 0.43
CA PRO C 102 31.88 -7.15 -1.03
C PRO C 102 30.82 -6.18 -1.54
N PRO C 103 31.07 -5.55 -2.71
CA PRO C 103 30.05 -4.63 -3.21
C PRO C 103 28.79 -5.49 -3.42
N HIS C 104 27.61 -4.92 -3.27
CA HIS C 104 26.42 -5.73 -3.49
C HIS C 104 25.44 -5.08 -4.46
N ASN C 105 24.41 -5.82 -4.83
CA ASN C 105 23.40 -5.34 -5.76
C ASN C 105 23.96 -5.13 -7.16
N LEU C 106 24.91 -5.94 -7.56
CA LEU C 106 25.45 -5.79 -8.90
C LEU C 106 24.30 -6.07 -9.88
N SER C 107 24.21 -5.27 -10.94
CA SER C 107 23.17 -5.45 -11.94
C SER C 107 23.61 -4.93 -13.30
N VAL C 108 23.08 -5.54 -14.36
CA VAL C 108 23.44 -5.17 -15.72
C VAL C 108 22.31 -4.51 -16.50
N ILE C 109 22.68 -3.60 -17.40
CA ILE C 109 21.75 -2.84 -18.25
C ILE C 109 22.40 -2.54 -19.62
N ASN C 110 21.58 -2.33 -20.66
CA ASN C 110 22.11 -2.02 -21.99
C ASN C 110 21.88 -0.56 -22.33
N SER C 111 21.91 0.29 -21.31
CA SER C 111 21.66 1.72 -21.49
C SER C 111 22.62 2.43 -22.47
N GLU C 112 22.71 1.92 -23.69
CA GLU C 112 23.58 2.58 -24.66
C GLU C 112 23.04 2.50 -26.08
N GLU C 113 21.96 1.73 -26.26
CA GLU C 113 21.37 1.58 -27.57
C GLU C 113 22.43 0.99 -28.52
N LEU C 114 23.46 0.38 -27.94
CA LEU C 114 24.52 -0.24 -28.74
C LEU C 114 24.75 -1.65 -28.22
N SER C 115 25.31 -2.48 -29.09
CA SER C 115 25.60 -3.88 -28.76
C SER C 115 26.77 -4.07 -27.82
N SER C 116 27.97 -3.77 -28.32
CA SER C 116 29.20 -3.93 -27.55
C SER C 116 29.24 -3.07 -26.29
N ILE C 117 28.09 -2.87 -25.67
CA ILE C 117 28.03 -2.06 -24.46
C ILE C 117 27.12 -2.64 -23.40
N LEU C 118 27.66 -2.70 -22.19
CA LEU C 118 26.95 -3.16 -21.03
C LEU C 118 27.41 -2.27 -19.89
N LYS C 119 26.47 -1.92 -19.02
CA LYS C 119 26.77 -1.07 -17.89
C LYS C 119 26.43 -1.79 -16.59
N LEU C 120 27.38 -1.77 -15.66
CA LEU C 120 27.19 -2.40 -14.37
C LEU C 120 26.99 -1.30 -13.36
N THR C 121 26.18 -1.60 -12.36
CA THR C 121 25.92 -0.66 -11.30
C THR C 121 25.87 -1.50 -10.05
N TRP C 122 26.30 -0.91 -8.96
CA TRP C 122 26.34 -1.68 -7.73
C TRP C 122 26.36 -0.71 -6.56
N THR C 123 26.19 -1.25 -5.36
CA THR C 123 26.21 -0.44 -4.16
C THR C 123 27.45 -0.80 -3.35
N ASN C 124 28.32 0.21 -3.14
CA ASN C 124 29.57 0.07 -2.39
C ASN C 124 29.33 -0.23 -0.92
N PRO C 125 30.28 -0.92 -0.27
CA PRO C 125 30.19 -1.27 1.16
C PRO C 125 30.33 0.02 1.97
N SER C 126 29.82 0.01 3.21
CA SER C 126 29.85 1.19 4.08
C SER C 126 31.21 1.84 4.31
N ILE C 127 32.26 1.02 4.34
CA ILE C 127 33.61 1.54 4.57
C ILE C 127 34.03 2.58 3.52
N LYS C 128 33.15 2.86 2.57
CA LYS C 128 33.43 3.85 1.53
C LYS C 128 33.57 5.24 2.16
N SER C 129 32.89 5.43 3.30
CA SER C 129 32.91 6.70 4.01
C SER C 129 34.21 6.90 4.78
N VAL C 130 35.13 5.94 4.65
CA VAL C 130 36.38 6.01 5.38
C VAL C 130 37.56 5.86 4.41
N ILE C 131 37.40 4.99 3.42
CA ILE C 131 38.48 4.77 2.46
C ILE C 131 38.03 4.87 1.01
N ILE C 132 38.97 5.27 0.17
CA ILE C 132 38.71 5.38 -1.23
C ILE C 132 38.87 3.94 -1.73
N LEU C 133 37.95 3.51 -2.60
CA LEU C 133 37.97 2.15 -3.10
C LEU C 133 38.64 1.88 -4.44
N LYS C 134 39.06 0.63 -4.59
CA LYS C 134 39.72 0.12 -5.79
C LYS C 134 38.87 -1.10 -6.14
N TYR C 135 38.92 -1.58 -7.37
CA TYR C 135 38.12 -2.75 -7.69
C TYR C 135 38.77 -3.69 -8.69
N ASN C 136 38.20 -4.87 -8.80
CA ASN C 136 38.59 -5.88 -9.76
C ASN C 136 37.24 -6.24 -10.37
N ILE C 137 37.13 -6.05 -11.67
CA ILE C 137 35.90 -6.40 -12.36
C ILE C 137 36.19 -7.54 -13.32
N GLN C 138 35.50 -8.65 -13.09
CA GLN C 138 35.69 -9.83 -13.90
C GLN C 138 34.43 -10.15 -14.66
N TYR C 139 34.63 -10.65 -15.87
CA TYR C 139 33.53 -11.00 -16.76
C TYR C 139 33.92 -12.19 -17.58
N ARG C 140 32.93 -12.86 -18.15
CA ARG C 140 33.12 -14.03 -18.99
C ARG C 140 31.81 -14.32 -19.70
N THR C 141 31.90 -15.06 -20.79
CA THR C 141 30.70 -15.43 -21.51
C THR C 141 29.94 -16.41 -20.64
N LYS C 142 28.61 -16.45 -20.79
CA LYS C 142 27.79 -17.37 -20.00
C LYS C 142 28.42 -18.76 -19.90
N ASP C 143 28.84 -19.26 -21.06
CA ASP C 143 29.45 -20.58 -21.16
C ASP C 143 30.93 -20.46 -21.49
N ALA C 144 31.75 -20.31 -20.45
CA ALA C 144 33.20 -20.17 -20.58
C ALA C 144 33.78 -20.66 -19.26
N SER C 145 34.90 -21.37 -19.32
CA SER C 145 35.52 -21.95 -18.12
C SER C 145 36.24 -21.00 -17.15
N THR C 146 36.80 -19.91 -17.66
CA THR C 146 37.52 -18.99 -16.81
C THR C 146 37.09 -17.53 -16.96
N TRP C 147 37.44 -16.70 -15.98
CA TRP C 147 37.11 -15.28 -16.03
C TRP C 147 38.14 -14.42 -16.71
N SER C 148 37.70 -13.28 -17.20
CA SER C 148 38.56 -12.31 -17.83
C SER C 148 38.45 -11.12 -16.89
N GLN C 149 39.48 -10.28 -16.85
CA GLN C 149 39.41 -9.14 -15.95
C GLN C 149 39.65 -7.82 -16.64
N ILE C 150 38.97 -6.77 -16.17
CA ILE C 150 39.15 -5.45 -16.74
C ILE C 150 40.39 -4.87 -16.14
N PRO C 151 41.21 -4.21 -16.97
CA PRO C 151 42.46 -3.62 -16.52
C PRO C 151 42.28 -2.92 -15.18
N PRO C 152 43.11 -3.26 -14.19
CA PRO C 152 43.06 -2.68 -12.86
C PRO C 152 43.05 -1.15 -12.87
N GLU C 153 43.90 -0.55 -13.69
CA GLU C 153 43.97 0.92 -13.77
C GLU C 153 42.66 1.59 -14.18
N ASP C 154 41.79 0.87 -14.87
CA ASP C 154 40.52 1.44 -15.30
C ASP C 154 39.45 1.43 -14.21
N THR C 155 39.73 0.81 -13.07
CA THR C 155 38.77 0.76 -11.96
C THR C 155 39.56 0.97 -10.66
N ALA C 156 40.31 2.08 -10.61
CA ALA C 156 41.17 2.40 -9.47
C ALA C 156 40.72 3.39 -8.43
N SER C 157 39.47 3.84 -8.47
CA SER C 157 38.98 4.76 -7.46
C SER C 157 37.50 4.54 -7.35
N THR C 158 36.94 4.91 -6.20
CA THR C 158 35.52 4.72 -5.93
C THR C 158 34.60 5.15 -7.04
N ARG C 159 33.61 4.30 -7.31
CA ARG C 159 32.59 4.54 -8.33
C ARG C 159 31.49 3.53 -8.03
N SER C 160 30.31 3.73 -8.60
CA SER C 160 29.19 2.82 -8.38
C SER C 160 28.72 2.22 -9.68
N SER C 161 29.46 2.51 -10.74
CA SER C 161 29.11 1.99 -12.06
C SER C 161 30.32 1.98 -12.97
N PHE C 162 30.22 1.19 -14.03
CA PHE C 162 31.29 1.04 -15.01
C PHE C 162 30.61 0.52 -16.24
N THR C 163 31.07 0.94 -17.42
CA THR C 163 30.45 0.47 -18.63
C THR C 163 31.49 -0.35 -19.39
N VAL C 164 31.20 -1.63 -19.55
CA VAL C 164 32.11 -2.52 -20.24
C VAL C 164 31.85 -2.53 -21.73
N GLN C 165 32.91 -2.37 -22.51
CA GLN C 165 32.77 -2.39 -23.97
C GLN C 165 33.71 -3.34 -24.70
N ASP C 166 33.60 -3.33 -26.02
CA ASP C 166 34.40 -4.17 -26.92
C ASP C 166 33.97 -5.63 -26.76
N LEU C 167 32.75 -5.86 -26.28
CA LEU C 167 32.22 -7.21 -26.12
C LEU C 167 31.65 -7.72 -27.45
N LYS C 168 31.53 -9.03 -27.59
CA LYS C 168 30.97 -9.61 -28.80
C LYS C 168 29.48 -9.41 -28.77
N PRO C 169 28.87 -9.08 -29.92
CA PRO C 169 27.43 -8.84 -30.03
C PRO C 169 26.60 -10.10 -29.77
N PHE C 170 25.37 -9.89 -29.31
CA PHE C 170 24.46 -10.98 -29.01
C PHE C 170 25.12 -12.05 -28.15
N THR C 171 25.71 -11.62 -27.04
CA THR C 171 26.33 -12.59 -26.16
C THR C 171 25.90 -12.31 -24.73
N GLU C 172 25.71 -13.38 -23.97
CA GLU C 172 25.34 -13.25 -22.59
C GLU C 172 26.64 -13.19 -21.79
N TYR C 173 26.65 -12.38 -20.73
CA TYR C 173 27.83 -12.23 -19.88
C TYR C 173 27.55 -12.29 -18.38
N VAL C 174 28.54 -12.77 -17.64
CA VAL C 174 28.44 -12.86 -16.18
C VAL C 174 29.45 -11.90 -15.61
N PHE C 175 29.12 -11.31 -14.47
CA PHE C 175 30.02 -10.34 -13.85
C PHE C 175 30.12 -10.51 -12.35
N ARG C 176 31.25 -10.06 -11.82
CA ARG C 176 31.49 -10.09 -10.39
C ARG C 176 32.54 -9.02 -10.09
N ILE C 177 32.45 -8.47 -8.89
CA ILE C 177 33.35 -7.39 -8.51
C ILE C 177 33.74 -7.52 -7.04
N ARG C 178 34.90 -6.95 -6.71
CA ARG C 178 35.42 -6.96 -5.36
C ARG C 178 36.18 -5.65 -5.21
N CYS C 179 36.39 -5.21 -3.96
CA CYS C 179 37.07 -3.96 -3.70
C CYS C 179 37.97 -3.95 -2.46
N MET C 180 38.77 -2.90 -2.33
CA MET C 180 39.64 -2.74 -1.16
C MET C 180 40.21 -1.33 -1.19
N LYS C 181 40.88 -0.93 -0.12
CA LYS C 181 41.44 0.40 -0.06
C LYS C 181 42.23 0.68 -1.32
N GLU C 182 42.04 1.88 -1.85
CA GLU C 182 42.65 2.35 -3.09
C GLU C 182 44.17 2.18 -3.23
N ASP C 183 44.91 2.29 -2.14
CA ASP C 183 46.37 2.20 -2.22
C ASP C 183 46.93 0.78 -2.17
N GLY C 184 46.05 -0.22 -2.19
CA GLY C 184 46.51 -1.59 -2.15
C GLY C 184 46.96 -2.07 -0.76
N LYS C 185 46.78 -1.24 0.27
CA LYS C 185 47.18 -1.63 1.62
C LYS C 185 45.93 -2.10 2.35
N GLY C 186 45.74 -3.42 2.45
CA GLY C 186 44.59 -3.98 3.13
C GLY C 186 44.32 -5.38 2.62
N TYR C 187 43.05 -5.77 2.51
CA TYR C 187 42.75 -7.10 1.99
C TYR C 187 41.58 -7.03 1.01
N TRP C 188 41.67 -7.74 -0.12
CA TRP C 188 40.56 -7.73 -1.06
C TRP C 188 39.30 -8.27 -0.39
N SER C 189 38.17 -7.78 -0.84
CA SER C 189 36.93 -8.24 -0.28
C SER C 189 36.56 -9.53 -1.01
N ASP C 190 35.60 -10.28 -0.46
CA ASP C 190 35.15 -11.47 -1.17
C ASP C 190 34.48 -10.95 -2.44
N TRP C 191 34.09 -11.84 -3.33
CA TRP C 191 33.41 -11.40 -4.56
C TRP C 191 31.93 -11.10 -4.31
N SER C 192 31.36 -10.30 -5.20
CA SER C 192 29.96 -9.94 -5.13
C SER C 192 29.18 -11.09 -5.72
N GLU C 193 27.86 -11.00 -5.65
CA GLU C 193 26.99 -12.02 -6.24
C GLU C 193 27.16 -11.79 -7.74
N GLU C 194 27.06 -12.84 -8.53
CA GLU C 194 27.21 -12.65 -9.96
C GLU C 194 25.99 -11.93 -10.57
N ALA C 195 26.18 -11.41 -11.78
CA ALA C 195 25.12 -10.69 -12.46
C ALA C 195 25.30 -10.97 -13.94
N SER C 196 24.19 -11.15 -14.65
CA SER C 196 24.27 -11.44 -16.07
C SER C 196 23.52 -10.44 -16.91
N GLY C 197 23.79 -10.48 -18.21
CA GLY C 197 23.15 -9.59 -19.16
C GLY C 197 23.57 -9.91 -20.58
N ILE C 198 22.74 -9.59 -21.56
CA ILE C 198 23.06 -9.87 -22.96
C ILE C 198 23.33 -8.58 -23.72
N THR C 199 24.08 -8.66 -24.82
CA THR C 199 24.40 -7.49 -25.63
C THR C 199 23.58 -7.45 -26.92
N TYR C 200 23.26 -6.25 -27.41
CA TYR C 200 22.49 -6.09 -28.66
C TYR C 200 23.39 -6.62 -29.79
N GLU C 201 23.35 -5.94 -30.93
CA GLU C 201 24.16 -6.33 -32.07
C GLU C 201 24.89 -5.14 -32.67
N CYS D 1 49.00 15.13 29.25
CA CYS D 1 49.88 14.61 28.16
C CYS D 1 50.24 13.15 28.40
N ALA D 2 51.40 12.91 29.00
CA ALA D 2 51.82 11.55 29.34
C ALA D 2 51.63 10.53 28.25
N ILE D 3 52.52 10.56 27.28
CA ILE D 3 52.53 9.68 26.16
C ILE D 3 53.09 8.30 26.57
N ARG D 4 52.86 7.26 25.77
CA ARG D 4 53.44 5.99 26.17
C ARG D 4 54.26 5.35 25.06
N HIS D 5 54.52 6.16 24.03
CA HIS D 5 55.38 5.83 22.88
C HIS D 5 55.17 6.92 21.86
N PRO D 6 56.19 7.26 21.06
CA PRO D 6 56.09 8.32 20.05
C PRO D 6 54.73 8.53 19.38
N CYS D 7 54.21 9.75 19.45
CA CYS D 7 52.94 10.07 18.79
C CYS D 7 53.23 9.90 17.32
N HIS D 8 52.21 9.63 16.54
CA HIS D 8 52.37 9.45 15.11
C HIS D 8 52.89 10.71 14.42
N ASN D 9 53.51 10.56 13.26
CA ASN D 9 54.07 11.73 12.56
C ASN D 9 53.21 12.27 11.41
N ASN D 10 51.95 11.85 11.36
CA ASN D 10 51.03 12.34 10.34
C ASN D 10 49.74 12.75 11.00
N LEU D 11 49.87 13.27 12.21
CA LEU D 11 48.75 13.70 13.03
C LEU D 11 47.79 14.66 12.36
N MET D 12 48.30 15.76 11.82
CA MET D 12 47.40 16.72 11.20
C MET D 12 46.58 16.12 10.07
N ASN D 13 47.14 15.22 9.28
CA ASN D 13 46.36 14.60 8.21
C ASN D 13 45.31 13.64 8.77
N GLN D 14 45.60 13.02 9.91
CA GLN D 14 44.65 12.11 10.48
C GLN D 14 43.50 12.84 11.10
N ILE D 15 43.76 13.92 11.82
CA ILE D 15 42.64 14.62 12.45
C ILE D 15 41.77 15.22 11.34
N ARG D 16 42.39 15.54 10.22
CA ARG D 16 41.65 16.12 9.12
C ARG D 16 40.68 15.06 8.65
N SER D 17 41.17 13.82 8.49
CA SER D 17 40.32 12.70 8.07
C SER D 17 39.21 12.46 9.12
N GLN D 18 39.54 12.68 10.39
CA GLN D 18 38.60 12.48 11.48
C GLN D 18 37.49 13.50 11.48
N LEU D 19 37.85 14.76 11.20
CA LEU D 19 36.88 15.84 11.13
C LEU D 19 35.95 15.60 9.94
N ALA D 20 36.53 15.24 8.80
CA ALA D 20 35.73 14.95 7.61
C ALA D 20 34.77 13.82 7.95
N GLN D 21 35.27 12.78 8.61
CA GLN D 21 34.43 11.64 8.98
C GLN D 21 33.25 12.06 9.83
N LEU D 22 33.50 12.94 10.78
CA LEU D 22 32.44 13.42 11.64
C LEU D 22 31.43 14.19 10.80
N ASN D 23 31.95 15.19 10.09
CA ASN D 23 31.16 16.07 9.24
C ASN D 23 30.26 15.32 8.27
N GLY D 24 30.75 14.21 7.75
CA GLY D 24 29.98 13.47 6.77
C GLY D 24 28.89 12.56 7.27
N SER D 25 28.72 12.50 8.59
CA SER D 25 27.68 11.62 9.13
C SER D 25 26.86 12.33 10.22
N ALA D 26 27.18 13.61 10.41
CA ALA D 26 26.50 14.42 11.41
C ALA D 26 25.06 14.65 11.00
N ASN D 27 24.87 14.93 9.71
CA ASN D 27 23.53 15.16 9.22
C ASN D 27 22.67 13.93 9.45
N ALA D 28 23.22 12.76 9.17
CA ALA D 28 22.47 11.52 9.37
C ALA D 28 22.16 11.27 10.85
N LEU D 29 23.08 11.68 11.73
CA LEU D 29 22.88 11.48 13.17
C LEU D 29 21.76 12.39 13.61
N PHE D 30 21.81 13.62 13.12
CA PHE D 30 20.79 14.61 13.46
C PHE D 30 19.42 14.07 13.00
N ILE D 31 19.32 13.76 11.71
CA ILE D 31 18.09 13.23 11.12
C ILE D 31 17.58 12.04 11.92
N LEU D 32 18.47 11.13 12.27
CA LEU D 32 18.09 9.94 13.05
C LEU D 32 17.49 10.32 14.40
N TYR D 33 18.09 11.32 15.03
CA TYR D 33 17.64 11.74 16.34
C TYR D 33 16.23 12.34 16.41
N TYR D 34 15.95 13.37 15.61
CA TYR D 34 14.62 13.95 15.65
C TYR D 34 13.56 12.98 15.17
N THR D 35 13.88 12.22 14.13
CA THR D 35 12.94 11.24 13.61
C THR D 35 12.58 10.21 14.66
N ALA D 36 13.51 9.91 15.55
CA ALA D 36 13.25 8.91 16.56
C ALA D 36 12.47 9.47 17.74
N GLN D 37 12.43 10.80 17.85
CA GLN D 37 11.71 11.42 18.95
C GLN D 37 10.20 11.54 18.65
N GLY D 38 9.86 11.64 17.37
CA GLY D 38 8.47 11.77 16.97
C GLY D 38 7.92 13.16 17.21
N GLU D 39 6.62 13.35 17.01
CA GLU D 39 6.03 14.67 17.24
C GLU D 39 6.40 15.09 18.66
N PRO D 40 6.59 16.40 18.88
CA PRO D 40 6.45 17.43 17.85
C PRO D 40 7.77 17.86 17.22
N PHE D 41 8.79 17.00 17.24
CA PHE D 41 10.08 17.40 16.71
C PHE D 41 10.27 17.46 15.20
N PRO D 42 9.90 16.40 14.48
CA PRO D 42 10.11 16.50 13.02
C PRO D 42 9.55 17.78 12.38
N ASN D 43 8.34 18.18 12.76
CA ASN D 43 7.71 19.35 12.17
C ASN D 43 8.18 20.72 12.70
N ASN D 44 8.75 20.76 13.90
CA ASN D 44 9.21 22.04 14.47
C ASN D 44 10.72 22.04 14.74
N LEU D 45 11.49 21.70 13.70
CA LEU D 45 12.95 21.62 13.81
C LEU D 45 13.64 22.92 14.19
N ASP D 46 13.14 24.02 13.64
CA ASP D 46 13.73 25.33 13.88
C ASP D 46 13.71 25.85 15.33
N LYS D 47 12.68 25.49 16.09
CA LYS D 47 12.58 25.97 17.45
C LYS D 47 12.83 24.89 18.49
N LEU D 48 12.98 23.64 18.06
CA LEU D 48 13.23 22.57 18.99
C LEU D 48 14.61 21.95 18.75
N CYS D 49 15.19 22.22 17.58
CA CYS D 49 16.48 21.64 17.22
C CYS D 49 17.45 22.63 16.55
N GLY D 50 17.46 23.87 17.06
CA GLY D 50 18.35 24.88 16.50
C GLY D 50 19.74 24.76 17.09
N PRO D 51 20.73 25.43 16.47
CA PRO D 51 22.13 25.44 16.91
C PRO D 51 22.47 26.49 17.96
N ASN D 52 22.05 26.29 19.21
CA ASN D 52 22.34 27.27 20.27
C ASN D 52 23.71 27.19 21.00
N VAL D 53 24.59 28.16 20.72
CA VAL D 53 25.93 28.23 21.34
C VAL D 53 25.86 28.59 22.85
N THR D 54 24.92 27.96 23.57
CA THR D 54 24.70 28.23 25.02
C THR D 54 25.98 28.58 25.78
N ASP D 55 26.54 27.56 26.43
CA ASP D 55 27.77 27.67 27.18
C ASP D 55 28.81 26.96 26.30
N PHE D 56 28.32 26.40 25.18
CA PHE D 56 29.13 25.68 24.21
C PHE D 56 30.47 26.36 23.92
N PRO D 57 31.58 25.60 24.02
CA PRO D 57 32.90 26.17 23.78
C PRO D 57 33.03 26.90 22.45
N PRO D 58 33.81 27.97 22.43
CA PRO D 58 34.06 28.79 21.23
C PRO D 58 35.11 28.23 20.29
N PHE D 59 35.10 28.72 19.06
CA PHE D 59 36.06 28.33 18.05
C PHE D 59 36.31 29.53 17.14
N HIS D 60 37.58 29.88 16.98
CA HIS D 60 38.01 30.99 16.16
C HIS D 60 38.80 30.43 14.98
N ALA D 61 38.11 30.12 13.88
CA ALA D 61 38.74 29.55 12.68
C ALA D 61 39.90 30.38 12.13
N ASN D 62 40.01 31.58 12.66
CA ASN D 62 41.04 32.53 12.28
C ASN D 62 42.28 32.44 13.17
N GLY D 63 42.25 31.55 14.16
CA GLY D 63 43.40 31.41 15.06
C GLY D 63 44.60 30.63 14.53
N THR D 64 45.60 30.52 15.39
CA THR D 64 46.83 29.77 15.07
C THR D 64 46.47 28.30 15.14
N GLU D 65 47.39 27.45 14.67
CA GLU D 65 47.12 26.04 14.72
C GLU D 65 46.93 25.62 16.17
N LYS D 66 47.91 26.00 17.00
CA LYS D 66 47.86 25.67 18.41
C LYS D 66 46.54 26.12 19.04
N ALA D 67 46.14 27.36 18.77
CA ALA D 67 44.91 27.90 19.33
C ALA D 67 43.66 27.17 18.88
N LYS D 68 43.65 26.71 17.62
CA LYS D 68 42.48 26.01 17.11
C LYS D 68 42.39 24.58 17.68
N LEU D 69 43.54 23.93 17.83
CA LEU D 69 43.55 22.59 18.37
C LEU D 69 43.12 22.61 19.83
N VAL D 70 43.44 23.70 20.52
CA VAL D 70 43.07 23.81 21.93
C VAL D 70 41.56 24.02 22.05
N GLU D 71 40.99 24.76 21.11
CA GLU D 71 39.56 24.99 21.13
C GLU D 71 38.85 23.72 20.67
N LEU D 72 39.41 23.07 19.64
CA LEU D 72 38.88 21.81 19.12
C LEU D 72 38.82 20.76 20.26
N TYR D 73 39.87 20.76 21.08
CA TYR D 73 39.97 19.84 22.19
C TYR D 73 38.85 20.03 23.20
N ARG D 74 38.68 21.27 23.65
CA ARG D 74 37.62 21.55 24.61
C ARG D 74 36.26 21.23 24.00
N ILE D 75 36.14 21.43 22.70
CA ILE D 75 34.89 21.15 22.00
C ILE D 75 34.60 19.65 22.00
N VAL D 76 35.56 18.85 21.54
CA VAL D 76 35.39 17.41 21.50
C VAL D 76 35.06 16.89 22.89
N VAL D 77 35.74 17.40 23.92
CA VAL D 77 35.43 16.95 25.27
C VAL D 77 33.99 17.28 25.62
N TYR D 78 33.59 18.51 25.32
CA TYR D 78 32.22 18.93 25.58
C TYR D 78 31.19 18.06 24.80
N LEU D 79 31.46 17.84 23.52
CA LEU D 79 30.58 17.03 22.70
C LEU D 79 30.60 15.62 23.22
N GLY D 80 31.80 15.14 23.51
CA GLY D 80 31.96 13.79 24.00
C GLY D 80 31.12 13.52 25.22
N THR D 81 31.13 14.43 26.17
CA THR D 81 30.35 14.21 27.36
C THR D 81 28.87 14.45 27.09
N SER D 82 28.57 15.44 26.25
CA SER D 82 27.17 15.71 25.93
C SER D 82 26.57 14.46 25.28
N LEU D 83 27.39 13.81 24.46
CA LEU D 83 26.96 12.62 23.73
C LEU D 83 26.68 11.43 24.65
N GLY D 84 27.36 11.38 25.79
CA GLY D 84 27.15 10.30 26.74
C GLY D 84 25.79 10.43 27.38
N ASN D 85 25.46 11.65 27.79
CA ASN D 85 24.18 11.91 28.42
C ASN D 85 23.04 11.64 27.43
N ILE D 86 23.17 12.18 26.24
CA ILE D 86 22.17 11.99 25.21
C ILE D 86 21.87 10.50 25.03
N THR D 87 22.92 9.72 24.85
CA THR D 87 22.73 8.28 24.66
C THR D 87 22.12 7.63 25.90
N ARG D 88 22.59 8.01 27.08
CA ARG D 88 22.07 7.47 28.33
C ARG D 88 20.53 7.65 28.32
N ASP D 89 20.08 8.88 28.05
CA ASP D 89 18.65 9.19 28.03
C ASP D 89 17.91 8.48 26.90
N GLN D 90 18.48 8.53 25.70
CA GLN D 90 17.87 7.91 24.53
C GLN D 90 17.65 6.40 24.62
N LYS D 91 18.47 5.74 25.42
CA LYS D 91 18.33 4.29 25.60
C LYS D 91 17.13 4.03 26.50
N ILE D 92 16.78 5.03 27.30
CA ILE D 92 15.63 4.95 28.20
C ILE D 92 14.37 5.44 27.49
N LEU D 93 14.40 6.69 27.03
CA LEU D 93 13.25 7.29 26.37
C LEU D 93 12.81 6.60 25.05
N ASN D 94 13.76 6.21 24.22
CA ASN D 94 13.44 5.56 22.95
C ASN D 94 14.19 4.24 22.81
N PRO D 95 13.95 3.29 23.72
CA PRO D 95 14.61 1.98 23.73
C PRO D 95 14.57 1.24 22.38
N SER D 96 13.65 1.67 21.54
CA SER D 96 13.45 1.08 20.22
C SER D 96 14.31 1.65 19.08
N ALA D 97 14.82 2.87 19.25
CA ALA D 97 15.65 3.49 18.20
C ALA D 97 17.03 2.85 18.16
N LEU D 98 17.07 1.57 17.84
CA LEU D 98 18.32 0.84 17.77
C LEU D 98 19.33 1.57 16.91
N SER D 99 18.95 1.88 15.68
CA SER D 99 19.86 2.58 14.80
C SER D 99 20.44 3.83 15.47
N LEU D 100 19.58 4.62 16.11
CA LEU D 100 20.03 5.83 16.78
C LEU D 100 21.14 5.55 17.82
N HIS D 101 20.89 4.62 18.75
CA HIS D 101 21.89 4.29 19.76
C HIS D 101 23.22 4.01 19.06
N SER D 102 23.17 3.10 18.08
CA SER D 102 24.33 2.71 17.32
C SER D 102 25.14 3.90 16.77
N LYS D 103 24.51 4.78 15.99
CA LYS D 103 25.21 5.94 15.42
C LYS D 103 25.76 6.89 16.49
N LEU D 104 25.13 6.89 17.67
CA LEU D 104 25.58 7.74 18.78
C LEU D 104 26.94 7.26 19.27
N ASN D 105 27.04 5.95 19.51
CA ASN D 105 28.29 5.34 19.98
C ASN D 105 29.37 5.47 18.93
N ALA D 106 28.99 5.16 17.69
CA ALA D 106 29.90 5.24 16.56
C ALA D 106 30.55 6.63 16.54
N THR D 107 29.74 7.66 16.77
CA THR D 107 30.23 9.03 16.79
C THR D 107 31.05 9.26 18.04
N ALA D 108 30.65 8.67 19.15
CA ALA D 108 31.41 8.82 20.38
C ALA D 108 32.83 8.22 20.22
N ASP D 109 32.90 7.06 19.56
CA ASP D 109 34.19 6.38 19.30
C ASP D 109 35.10 7.29 18.43
N ILE D 110 34.56 7.80 17.32
CA ILE D 110 35.33 8.67 16.46
C ILE D 110 35.85 9.87 17.24
N LEU D 111 35.01 10.42 18.12
CA LEU D 111 35.38 11.57 18.95
C LEU D 111 36.57 11.31 19.88
N ARG D 112 36.58 10.13 20.53
CA ARG D 112 37.68 9.79 21.45
C ARG D 112 38.98 9.73 20.67
N GLY D 113 38.91 9.17 19.47
CA GLY D 113 40.09 9.07 18.64
C GLY D 113 40.61 10.46 18.35
N LEU D 114 39.68 11.36 18.07
CA LEU D 114 40.06 12.73 17.78
C LEU D 114 40.79 13.34 18.98
N LEU D 115 40.26 13.09 20.18
CA LEU D 115 40.91 13.63 21.38
C LEU D 115 42.36 13.16 21.47
N SER D 116 42.57 11.86 21.29
CA SER D 116 43.91 11.28 21.35
C SER D 116 44.87 12.00 20.39
N ASN D 117 44.51 12.06 19.11
CA ASN D 117 45.32 12.73 18.11
C ASN D 117 45.50 14.22 18.41
N VAL D 118 44.44 14.93 18.77
CA VAL D 118 44.60 16.36 19.08
C VAL D 118 45.52 16.53 20.27
N LEU D 119 45.33 15.70 21.30
CA LEU D 119 46.17 15.76 22.50
C LEU D 119 47.62 15.50 22.12
N CYS D 120 47.81 14.59 21.18
CA CYS D 120 49.14 14.24 20.72
C CYS D 120 49.91 15.38 20.02
N ARG D 121 49.24 16.14 19.13
CA ARG D 121 49.95 17.21 18.43
C ARG D 121 50.18 18.33 19.38
N LEU D 122 49.20 18.54 20.26
CA LEU D 122 49.27 19.62 21.24
C LEU D 122 50.40 19.42 22.22
N CYS D 123 50.67 18.17 22.58
CA CYS D 123 51.75 17.86 23.49
C CYS D 123 53.05 17.76 22.72
N SER D 124 53.06 16.97 21.66
CA SER D 124 54.28 16.79 20.90
C SER D 124 54.80 18.03 20.19
N LYS D 125 53.90 18.80 19.58
CA LYS D 125 54.32 20.00 18.86
C LYS D 125 54.35 21.25 19.74
N TYR D 126 53.33 21.43 20.56
CA TYR D 126 53.27 22.63 21.36
C TYR D 126 53.60 22.55 22.85
N HIS D 127 53.97 21.36 23.32
CA HIS D 127 54.33 21.16 24.72
C HIS D 127 53.41 21.93 25.64
N VAL D 128 52.12 21.78 25.40
CA VAL D 128 51.07 22.48 26.14
C VAL D 128 50.97 22.24 27.65
N GLY D 129 51.52 21.13 28.15
CA GLY D 129 51.44 20.85 29.57
C GLY D 129 50.15 20.14 29.87
N HIS D 130 49.05 20.76 29.46
CA HIS D 130 47.73 20.18 29.64
C HIS D 130 46.65 21.14 29.14
N VAL D 131 45.42 20.63 29.01
CA VAL D 131 44.33 21.46 28.56
C VAL D 131 43.22 21.56 29.60
N ASP D 132 42.64 22.75 29.70
CA ASP D 132 41.59 23.06 30.65
C ASP D 132 40.20 22.49 30.31
N VAL D 133 39.56 21.97 31.36
CA VAL D 133 38.25 21.32 31.32
C VAL D 133 37.00 22.19 31.08
N THR D 134 35.96 21.56 30.52
CA THR D 134 34.66 22.18 30.22
C THR D 134 33.68 21.05 29.84
N TYR D 135 32.74 20.71 30.72
CA TYR D 135 31.79 19.63 30.44
C TYR D 135 30.34 20.08 30.22
N GLY D 136 29.53 19.23 29.59
CA GLY D 136 28.13 19.54 29.36
C GLY D 136 27.38 19.06 30.59
N PRO D 137 26.58 19.94 31.26
CA PRO D 137 25.80 19.65 32.48
C PRO D 137 24.50 18.86 32.42
N ASP D 138 24.47 17.78 31.62
CA ASP D 138 23.28 16.94 31.48
C ASP D 138 22.25 17.06 32.60
N THR D 139 22.59 16.57 33.78
CA THR D 139 21.70 16.64 34.94
C THR D 139 20.22 16.27 34.72
N SER D 140 19.52 16.07 35.83
CA SER D 140 18.11 15.73 35.75
C SER D 140 17.27 17.00 35.62
N GLY D 141 17.97 18.11 35.37
CA GLY D 141 17.32 19.41 35.21
C GLY D 141 16.46 19.47 33.95
N LYS D 142 15.33 18.77 33.99
CA LYS D 142 14.43 18.78 32.86
C LYS D 142 13.54 17.56 32.75
N ASP D 143 12.26 17.82 32.52
CA ASP D 143 11.32 16.72 32.35
C ASP D 143 11.72 16.08 31.04
N VAL D 144 11.26 14.87 30.79
CA VAL D 144 11.60 14.17 29.55
C VAL D 144 11.75 15.12 28.35
N PHE D 145 10.84 16.09 28.23
CA PHE D 145 10.86 17.00 27.08
C PHE D 145 12.09 17.91 26.97
N GLN D 146 12.57 18.44 28.10
CA GLN D 146 13.75 19.31 28.06
C GLN D 146 14.99 18.47 27.69
N LYS D 147 15.00 17.19 28.05
CA LYS D 147 16.11 16.33 27.67
C LYS D 147 16.08 16.24 26.14
N LYS D 148 14.96 15.75 25.61
CA LYS D 148 14.77 15.60 24.18
C LYS D 148 15.19 16.83 23.40
N LYS D 149 14.79 18.00 23.90
CA LYS D 149 15.12 19.24 23.21
C LYS D 149 16.60 19.57 23.34
N LEU D 150 17.10 19.57 24.57
CA LEU D 150 18.49 19.88 24.80
C LEU D 150 19.34 18.98 23.92
N GLY D 151 18.92 17.71 23.83
CA GLY D 151 19.63 16.76 22.99
C GLY D 151 19.59 17.21 21.53
N CYS D 152 18.37 17.43 21.04
CA CYS D 152 18.16 17.84 19.67
C CYS D 152 18.88 19.14 19.30
N GLN D 153 19.04 20.03 20.28
CA GLN D 153 19.72 21.31 20.03
C GLN D 153 21.23 21.12 19.99
N LEU D 154 21.72 20.19 20.79
CA LEU D 154 23.14 19.88 20.82
C LEU D 154 23.57 19.35 19.45
N LEU D 155 22.84 18.36 18.97
CA LEU D 155 23.13 17.77 17.69
C LEU D 155 22.99 18.84 16.63
N GLY D 156 22.03 19.74 16.82
CA GLY D 156 21.85 20.82 15.87
C GLY D 156 23.12 21.64 15.82
N LYS D 157 23.59 22.05 16.99
CA LYS D 157 24.82 22.83 17.15
C LYS D 157 26.01 22.03 16.61
N TYR D 158 26.02 20.72 16.92
CA TYR D 158 27.09 19.82 16.48
C TYR D 158 27.25 19.79 14.96
N LYS D 159 26.11 19.63 14.28
CA LYS D 159 26.05 19.60 12.82
C LYS D 159 26.65 20.86 12.21
N GLN D 160 26.33 22.02 12.79
CA GLN D 160 26.83 23.31 12.31
C GLN D 160 28.31 23.54 12.62
N ILE D 161 28.69 23.38 13.89
CA ILE D 161 30.07 23.60 14.30
C ILE D 161 31.05 22.64 13.63
N ILE D 162 30.66 21.38 13.49
CA ILE D 162 31.51 20.40 12.87
C ILE D 162 31.96 20.79 11.44
N ALA D 163 31.03 21.34 10.66
CA ALA D 163 31.30 21.76 9.29
C ALA D 163 32.30 22.90 9.27
N VAL D 164 32.19 23.75 10.27
CA VAL D 164 33.09 24.89 10.40
C VAL D 164 34.48 24.36 10.71
N LEU D 165 34.55 23.38 11.61
CA LEU D 165 35.80 22.73 12.03
C LEU D 165 36.47 21.91 10.93
N ALA D 166 35.65 21.13 10.24
CA ALA D 166 36.13 20.27 9.17
C ALA D 166 36.90 20.98 8.07
N GLN D 167 36.64 22.26 7.85
CA GLN D 167 37.35 22.94 6.77
C GLN D 167 38.21 24.09 7.26
N ALA D 168 38.21 24.29 8.57
CA ALA D 168 39.00 25.34 9.16
C ALA D 168 40.37 24.77 9.50
N PHE D 169 40.56 23.50 9.16
CA PHE D 169 41.83 22.85 9.44
C PHE D 169 42.40 22.33 8.14
#